data_9MGY
#
_entry.id   9MGY
#
_cell.length_a   1.00
_cell.length_b   1.00
_cell.length_c   1.00
_cell.angle_alpha   90.00
_cell.angle_beta   90.00
_cell.angle_gamma   90.00
#
_symmetry.space_group_name_H-M   'P 1'
#
loop_
_entity.id
_entity.type
_entity.pdbx_description
1 polymer 'NACHT, LRR and PYD domains-containing protein 3'
2 non-polymer "ADENOSINE-5'-TRIPHOSPHATE"
3 non-polymer (2M)-2-(6-{[(3R)-1-methylpiperidin-3-yl]amino}pyridazin-3-yl)-5-(trifluoromethyl)phenol
4 water water
#
_entity_poly.entity_id   1
_entity_poly.type   'polypeptide(L)'
_entity_poly.pdbx_seq_one_letter_code
;MKMASTRCKLARYLEDLEDVDLKKFKMHLEDYPPQKGCIPLPRGQTEKADHVDLATLMIDFNGEEKAWAMAVWIFAAINR
RDLYEKAKRDEPKWGSDNARVSNPTVICQEDSIEEEWMGLLEYLSRISICKMKKDYRKKYRKYVRSRFQCIEDRNARLGE
SVSLNKRYTRLRLIKEHRSQQEREQELLAIGKTKTCESPVSPIKMELLFDPDDEHSEPVHTVVFQGAAGIGKTILARKMM
LDWASGTLYQDRFDYLFYIHCREVSLVTQRSLGDLIMSCCPDPNPPIHKIVRKPSRILFLMDGFDELQGAFDEHIGPLCT
DWQKAERGDILLSSLIRKKLLPEASLLITTRPVALEKLQHLLDHPRHVEILGFSEAKRKEYFFKYFSDEAQARAAFSLIQ
ENEVLFTMCFIPLVCWIVCTGLKQQMESGKSLAQTSKTTTAVYVFFLSSLLQPRGGSQEHGLCAHLWGLCSLAADGIWNQ
KILFEESDLRNHGLQKADVSAFLRMNLFQKEVDCEKFYSFIHMTFQEFFAAMYYLLEEEKEGRTNVPGSRLKLPSRDVTV
LLENYGKFEKGYLIFVVRFLFGLVNQERTSYLEKKLSCKISQQIRLELLKWIEVKAKAKKLQIQPSQLELFYCLYEMQEE
DFVQRAMDYFPKIEINLSTRMDHMVSSFCIENCHRVESLSLGFLHNMPKEEEEEEKEGRHLDMVQCVLPSSSHAACSHGL
VNSHLTSSFCRGLFSVLSTSQSLTELDLSDNSLGDPGMRVLCETLQHPGCNIRRLWLGRCGLSHECCFDISLVLSSNQKL
VELDLSDNALGDFGIRLLCVGLKHLLCNLKKLWLVSCCLTSACCQDLASVLSTSHSLTRLYVGENALGDSGVAILCEKAK
NPQCNLQKLGLVNSGLTSVCCSALSSVLSTNQNLTHLYLRGNTLGDKGIKLLCEGLLHPDCKLQVLELDNCNLTSHCCWD
LSTLLTSSQSLRKLSLGNNDLGDLGVMMFCEVLKQQSCLLQNLGLSEMYFNYETKSALETLQEEKPELTVVFEPSW
;
_entity_poly.pdbx_strand_id   C
#
# COMPACT_ATOMS: atom_id res chain seq x y z
N LYS A 133 34.13 -33.32 25.38
CA LYS A 133 33.74 -34.73 25.36
C LYS A 133 32.76 -35.01 24.22
N LYS A 134 31.49 -34.60 24.40
CA LYS A 134 30.43 -34.73 23.40
C LYS A 134 30.06 -33.37 22.85
N ASP A 135 29.50 -33.35 21.65
CA ASP A 135 29.08 -32.08 21.05
C ASP A 135 27.66 -31.73 21.50
N TYR A 136 27.58 -30.76 22.41
CA TYR A 136 26.34 -30.36 23.06
C TYR A 136 25.30 -29.83 22.07
N ARG A 137 25.75 -29.47 20.88
CA ARG A 137 24.85 -28.94 19.87
C ARG A 137 23.90 -30.02 19.39
N LYS A 138 24.29 -31.28 19.57
CA LYS A 138 23.44 -32.39 19.17
C LYS A 138 22.25 -32.49 20.10
N LYS A 139 22.49 -32.23 21.38
CA LYS A 139 21.43 -32.30 22.38
C LYS A 139 20.45 -31.16 22.14
N TYR A 140 20.97 -30.01 21.76
CA TYR A 140 20.12 -28.87 21.48
C TYR A 140 19.22 -29.18 20.29
N ARG A 141 19.79 -29.74 19.23
CA ARG A 141 18.97 -30.09 18.08
C ARG A 141 17.92 -31.12 18.46
N LYS A 142 18.26 -32.08 19.32
CA LYS A 142 17.29 -33.06 19.80
C LYS A 142 16.16 -32.37 20.55
N TYR A 143 16.53 -31.42 21.40
CA TYR A 143 15.56 -30.65 22.16
C TYR A 143 14.62 -29.89 21.23
N VAL A 144 15.19 -29.23 20.22
CA VAL A 144 14.38 -28.48 19.28
C VAL A 144 13.43 -29.40 18.53
N ARG A 145 13.93 -30.56 18.08
CA ARG A 145 13.06 -31.47 17.35
C ARG A 145 11.89 -31.96 18.18
N SER A 146 12.14 -32.26 19.46
CA SER A 146 11.07 -32.76 20.32
C SER A 146 10.11 -31.66 20.75
N ARG A 147 10.60 -30.41 20.76
CA ARG A 147 9.78 -29.28 21.17
C ARG A 147 8.92 -28.73 20.05
N PHE A 148 9.47 -28.64 18.85
CA PHE A 148 8.78 -27.99 17.75
C PHE A 148 8.09 -28.97 16.81
N GLN A 149 7.95 -30.23 17.23
CA GLN A 149 7.27 -31.23 16.43
C GLN A 149 5.76 -31.00 16.38
N CYS A 150 5.26 -30.21 17.33
CA CYS A 150 3.85 -29.89 17.43
C CYS A 150 3.59 -28.44 17.05
N ILE A 151 2.37 -28.15 16.59
CA ILE A 151 2.00 -26.82 16.15
C ILE A 151 2.10 -25.74 17.25
N GLU A 152 1.58 -26.02 18.44
CA GLU A 152 1.46 -24.99 19.46
C GLU A 152 2.53 -24.99 20.56
N ASP A 153 3.05 -26.16 20.93
CA ASP A 153 3.91 -26.30 22.12
C ASP A 153 3.09 -26.00 23.38
N ARG A 154 1.78 -26.16 23.24
CA ARG A 154 0.83 -25.89 24.29
C ARG A 154 -0.25 -26.96 24.31
N ASN A 155 -0.90 -27.11 25.45
CA ASN A 155 -2.01 -28.03 25.64
C ASN A 155 -3.33 -27.42 25.25
N ALA A 156 -4.42 -28.05 25.70
CA ALA A 156 -5.78 -27.60 25.42
C ALA A 156 -6.08 -27.60 23.94
N ARG A 157 -5.50 -28.54 23.20
CA ARG A 157 -5.76 -28.63 21.78
C ARG A 157 -6.97 -29.52 21.54
N LEU A 158 -8.12 -29.08 22.04
CA LEU A 158 -9.38 -29.82 21.92
C LEU A 158 -9.22 -31.26 22.39
N GLY A 159 -8.76 -31.44 23.62
CA GLY A 159 -8.49 -32.76 24.15
C GLY A 159 -7.01 -33.10 24.03
N GLU A 160 -6.21 -32.10 23.68
CA GLU A 160 -4.77 -32.21 23.52
C GLU A 160 -4.36 -33.32 22.56
N SER A 161 -4.94 -33.29 21.35
CA SER A 161 -4.56 -34.25 20.31
C SER A 161 -3.19 -33.86 19.78
N VAL A 162 -2.53 -34.76 19.07
CA VAL A 162 -1.23 -34.40 18.50
C VAL A 162 -1.45 -33.58 17.25
N SER A 163 -0.97 -32.34 17.27
CA SER A 163 -1.21 -31.41 16.18
C SER A 163 -0.41 -31.75 14.92
N LEU A 164 0.73 -32.40 15.09
CA LEU A 164 1.55 -32.87 13.97
C LEU A 164 2.02 -31.72 13.07
N ASN A 165 3.16 -31.11 13.38
CA ASN A 165 3.68 -29.98 12.61
C ASN A 165 4.01 -30.36 11.17
N LYS A 166 4.06 -31.65 10.88
CA LYS A 166 4.31 -32.13 9.53
C LYS A 166 3.15 -31.77 8.59
N ARG A 167 2.01 -31.37 9.17
CA ARG A 167 0.82 -30.97 8.42
C ARG A 167 1.00 -29.63 7.73
N TYR A 168 2.07 -28.91 8.09
CA TYR A 168 2.35 -27.60 7.55
C TYR A 168 1.98 -27.48 6.08
N THR A 169 1.11 -26.52 5.79
CA THR A 169 0.71 -26.23 4.43
C THR A 169 1.50 -25.03 3.95
N ARG A 170 2.11 -25.16 2.77
CA ARG A 170 3.04 -24.14 2.30
C ARG A 170 2.42 -22.75 2.18
N LEU A 171 3.15 -21.77 2.68
CA LEU A 171 2.78 -20.37 2.60
C LEU A 171 3.45 -19.73 1.40
N ARG A 172 2.86 -18.66 0.88
CA ARG A 172 3.45 -17.96 -0.24
C ARG A 172 4.40 -16.85 0.24
N LEU A 173 5.65 -16.91 -0.20
CA LEU A 173 6.62 -15.93 0.25
C LEU A 173 7.13 -15.07 -0.90
N ILE A 174 6.94 -13.77 -0.78
CA ILE A 174 7.37 -12.83 -1.82
C ILE A 174 8.43 -11.87 -1.31
N LYS A 175 9.56 -11.85 -2.00
CA LYS A 175 10.64 -10.93 -1.64
C LYS A 175 10.38 -9.54 -2.21
N GLU A 176 10.58 -8.52 -1.38
CA GLU A 176 10.38 -7.11 -1.74
C GLU A 176 11.65 -6.31 -1.46
N SER A 201 9.04 -11.02 -5.90
CA SER A 201 9.61 -12.22 -6.52
C SER A 201 9.53 -13.42 -5.54
N PRO A 202 9.01 -14.61 -5.96
CA PRO A 202 8.84 -15.80 -5.12
C PRO A 202 10.17 -16.38 -4.69
N ILE A 203 10.24 -16.82 -3.43
CA ILE A 203 11.47 -17.36 -2.88
C ILE A 203 11.30 -18.71 -2.18
N LYS A 204 12.43 -19.36 -1.94
CA LYS A 204 12.50 -20.60 -1.17
C LYS A 204 13.01 -20.31 0.23
N MET A 205 12.79 -21.23 1.16
CA MET A 205 13.28 -21.05 2.53
C MET A 205 14.80 -21.13 2.61
N GLU A 206 15.39 -21.90 1.72
CA GLU A 206 16.85 -22.01 1.68
C GLU A 206 17.39 -20.87 0.84
N LEU A 207 18.65 -20.50 1.06
CA LEU A 207 19.29 -19.41 0.34
C LEU A 207 18.72 -18.05 0.75
N LEU A 208 17.92 -18.05 1.81
CA LEU A 208 17.28 -16.84 2.31
C LEU A 208 18.28 -15.77 2.72
N PHE A 209 19.40 -16.20 3.30
CA PHE A 209 20.41 -15.28 3.79
C PHE A 209 21.59 -15.14 2.84
N ASP A 210 21.45 -15.63 1.61
CA ASP A 210 22.53 -15.49 0.65
C ASP A 210 22.68 -14.03 0.24
N PRO A 211 23.90 -13.60 -0.13
CA PRO A 211 24.23 -12.32 -0.72
C PRO A 211 23.40 -12.07 -1.96
N ASP A 212 23.17 -10.81 -2.27
CA ASP A 212 22.32 -10.46 -3.40
C ASP A 212 23.06 -10.57 -4.72
N ASP A 213 22.46 -10.02 -5.77
CA ASP A 213 22.92 -10.21 -7.14
C ASP A 213 24.10 -9.34 -7.55
N GLU A 214 24.56 -8.45 -6.67
CA GLU A 214 25.68 -7.58 -7.05
C GLU A 214 26.59 -7.26 -5.88
N HIS A 215 27.89 -7.18 -6.15
CA HIS A 215 28.91 -6.92 -5.13
C HIS A 215 28.97 -8.03 -4.08
N SER A 216 28.21 -9.10 -4.32
CA SER A 216 28.09 -10.20 -3.38
C SER A 216 27.80 -9.66 -1.97
N GLU A 217 26.94 -8.65 -1.88
CA GLU A 217 26.66 -8.04 -0.59
C GLU A 217 25.83 -8.98 0.30
N PRO A 218 26.35 -9.36 1.48
CA PRO A 218 25.74 -10.30 2.43
C PRO A 218 24.57 -9.67 3.14
N VAL A 219 23.67 -10.50 3.64
CA VAL A 219 22.54 -10.03 4.41
C VAL A 219 22.54 -10.62 5.80
N HIS A 220 22.33 -9.79 6.82
CA HIS A 220 22.27 -10.29 8.18
C HIS A 220 20.86 -10.24 8.71
N THR A 221 20.08 -9.25 8.27
CA THR A 221 18.74 -9.07 8.81
C THR A 221 17.66 -9.33 7.77
N VAL A 222 16.75 -10.21 8.11
CA VAL A 222 15.61 -10.53 7.25
C VAL A 222 14.32 -10.32 8.01
N VAL A 223 13.40 -9.57 7.42
CA VAL A 223 12.15 -9.29 8.09
C VAL A 223 10.97 -9.89 7.34
N PHE A 224 10.19 -10.68 8.05
CA PHE A 224 9.00 -11.31 7.52
C PHE A 224 7.76 -10.60 8.01
N GLN A 225 7.01 -10.02 7.09
CA GLN A 225 5.83 -9.29 7.50
C GLN A 225 4.58 -9.98 7.03
N GLY A 226 3.53 -9.88 7.82
CA GLY A 226 2.26 -10.47 7.41
C GLY A 226 1.13 -10.22 8.40
N ALA A 227 -0.03 -10.55 7.94
CA ALA A 227 -1.21 -10.29 8.71
C ALA A 227 -1.30 -11.18 9.90
N ALA A 228 -2.19 -10.83 10.80
CA ALA A 228 -2.47 -11.64 11.98
C ALA A 228 -3.11 -12.92 11.54
N GLY A 229 -2.44 -14.04 11.67
CA GLY A 229 -3.00 -15.36 11.32
C GLY A 229 -2.37 -15.93 10.11
N ILE A 230 -1.54 -15.20 9.43
CA ILE A 230 -1.01 -15.65 8.13
C ILE A 230 -0.06 -16.81 8.32
N GLY A 231 0.49 -16.97 9.50
CA GLY A 231 1.45 -18.03 9.77
C GLY A 231 2.83 -17.48 9.92
N LYS A 232 3.05 -16.51 10.76
CA LYS A 232 4.43 -16.06 10.97
C LYS A 232 5.06 -16.95 12.02
N THR A 233 4.29 -17.47 12.97
CA THR A 233 4.78 -18.32 14.06
C THR A 233 4.89 -19.75 13.58
N ILE A 234 3.87 -20.25 12.89
CA ILE A 234 3.97 -21.61 12.32
C ILE A 234 5.18 -21.61 11.36
N LEU A 235 5.43 -20.59 10.57
CA LEU A 235 6.62 -20.59 9.71
C LEU A 235 7.91 -20.49 10.51
N ALA A 236 7.94 -19.77 11.60
CA ALA A 236 9.20 -19.58 12.30
C ALA A 236 9.46 -20.86 13.05
N ARG A 237 8.41 -21.48 13.56
CA ARG A 237 8.53 -22.77 14.21
C ARG A 237 8.97 -23.84 13.22
N LYS A 238 8.47 -23.75 11.99
CA LYS A 238 8.85 -24.70 10.96
C LYS A 238 10.35 -24.62 10.70
N MET A 239 10.88 -23.40 10.64
CA MET A 239 12.31 -23.23 10.43
C MET A 239 13.12 -23.87 11.56
N MET A 240 12.66 -23.71 12.79
CA MET A 240 13.36 -24.31 13.92
C MET A 240 13.43 -25.83 13.75
N LEU A 241 12.30 -26.42 13.37
CA LEU A 241 12.24 -27.86 13.22
C LEU A 241 13.04 -28.34 12.03
N ASP A 242 12.90 -27.67 10.88
CA ASP A 242 13.61 -28.10 9.68
C ASP A 242 15.12 -28.02 9.88
N TRP A 243 15.56 -26.98 10.57
CA TRP A 243 16.98 -26.85 10.87
C TRP A 243 17.45 -27.97 11.78
N ALA A 244 16.72 -28.21 12.86
CA ALA A 244 17.11 -29.24 13.81
C ALA A 244 17.12 -30.63 13.15
N SER A 245 16.24 -30.82 12.18
CA SER A 245 16.15 -32.08 11.43
C SER A 245 17.22 -32.21 10.37
N GLY A 246 18.00 -31.14 10.16
CA GLY A 246 19.08 -31.15 9.17
C GLY A 246 18.58 -30.97 7.73
N THR A 247 17.45 -30.29 7.55
CA THR A 247 16.91 -30.07 6.22
C THR A 247 16.97 -28.61 5.79
N LEU A 248 17.58 -27.75 6.62
CA LEU A 248 17.66 -26.32 6.33
C LEU A 248 18.85 -25.66 7.02
N TYR A 249 19.64 -24.91 6.27
CA TYR A 249 20.80 -24.19 6.80
C TYR A 249 21.79 -25.12 7.47
N GLN A 250 21.92 -26.35 6.94
CA GLN A 250 22.75 -27.36 7.58
C GLN A 250 24.19 -26.92 7.76
N ASP A 251 24.69 -26.14 6.82
CA ASP A 251 26.07 -25.68 6.87
C ASP A 251 26.17 -24.18 7.03
N ARG A 252 25.08 -23.54 7.44
CA ARG A 252 25.06 -22.10 7.57
C ARG A 252 25.01 -21.65 9.01
N PHE A 253 24.15 -22.26 9.82
CA PHE A 253 24.04 -21.85 11.21
C PHE A 253 24.28 -23.01 12.17
N ASP A 254 25.05 -22.74 13.22
CA ASP A 254 25.30 -23.74 14.24
C ASP A 254 24.20 -23.70 15.28
N TYR A 255 23.61 -22.53 15.46
CA TYR A 255 22.51 -22.38 16.41
C TYR A 255 21.35 -21.57 15.86
N LEU A 256 20.15 -21.93 16.28
CA LEU A 256 18.98 -21.08 16.09
C LEU A 256 18.37 -20.80 17.44
N PHE A 257 18.25 -19.52 17.77
CA PHE A 257 17.68 -19.16 19.05
C PHE A 257 16.32 -18.53 18.86
N TYR A 258 15.28 -19.22 19.31
CA TYR A 258 13.92 -18.77 19.13
C TYR A 258 13.51 -17.84 20.25
N ILE A 259 13.18 -16.60 19.89
CA ILE A 259 12.77 -15.61 20.86
C ILE A 259 11.27 -15.36 20.73
N HIS A 260 10.55 -15.61 21.81
CA HIS A 260 9.11 -15.41 21.79
C HIS A 260 8.81 -14.04 22.38
N CYS A 261 8.38 -13.11 21.54
CA CYS A 261 8.24 -11.72 21.96
C CYS A 261 7.14 -11.49 22.97
N ARG A 262 6.23 -12.47 23.10
CA ARG A 262 5.16 -12.37 24.08
C ARG A 262 5.65 -12.74 25.47
N GLU A 263 6.87 -13.25 25.55
CA GLU A 263 7.47 -13.62 26.83
C GLU A 263 8.47 -12.57 27.27
N VAL A 264 9.07 -11.87 26.31
CA VAL A 264 10.08 -10.87 26.61
C VAL A 264 9.47 -9.63 27.24
N SER A 265 10.04 -9.21 28.36
CA SER A 265 9.59 -8.00 29.04
C SER A 265 10.45 -6.80 28.67
N LEU A 266 9.79 -5.69 28.36
CA LEU A 266 10.47 -4.46 28.00
C LEU A 266 10.80 -3.62 29.24
N VAL A 267 10.37 -4.10 30.39
CA VAL A 267 10.57 -3.38 31.64
C VAL A 267 11.63 -4.05 32.50
N THR A 268 11.57 -5.38 32.55
CA THR A 268 12.47 -6.17 33.39
C THR A 268 13.92 -6.01 32.93
N GLN A 269 14.83 -5.84 33.88
CA GLN A 269 16.25 -5.69 33.59
C GLN A 269 17.00 -7.01 33.63
N ARG A 270 17.56 -7.42 32.49
CA ARG A 270 18.27 -8.68 32.36
C ARG A 270 19.43 -8.62 31.39
N SER A 271 20.41 -9.50 31.60
CA SER A 271 21.50 -9.70 30.67
C SER A 271 21.03 -10.62 29.57
N LEU A 272 21.87 -10.94 28.61
CA LEU A 272 21.43 -11.81 27.53
C LEU A 272 21.43 -13.26 27.99
N GLY A 273 20.55 -13.57 28.93
CA GLY A 273 20.44 -14.88 29.54
C GLY A 273 19.27 -15.65 28.95
N ASP A 274 18.64 -15.05 27.95
CA ASP A 274 17.53 -15.66 27.26
C ASP A 274 18.02 -16.87 26.49
N LEU A 275 19.28 -16.83 26.12
CA LEU A 275 19.96 -17.93 25.45
C LEU A 275 19.96 -19.19 26.33
N ILE A 276 19.83 -19.00 27.63
CA ILE A 276 19.81 -20.13 28.55
C ILE A 276 18.41 -20.67 28.66
N MET A 277 17.46 -19.76 28.91
CA MET A 277 16.07 -20.15 29.12
C MET A 277 15.42 -20.65 27.84
N SER A 278 15.91 -20.17 26.70
CA SER A 278 15.36 -20.53 25.40
C SER A 278 15.90 -21.84 24.86
N CYS A 279 16.79 -22.49 25.59
CA CYS A 279 17.37 -23.72 25.08
C CYS A 279 17.07 -24.89 26.01
N CYS A 280 18.06 -25.74 26.19
CA CYS A 280 17.90 -26.94 26.98
C CYS A 280 17.69 -26.60 28.46
N PRO A 281 17.15 -27.54 29.25
CA PRO A 281 16.98 -27.47 30.70
C PRO A 281 18.27 -27.14 31.46
N ASP A 282 19.42 -27.39 30.84
CA ASP A 282 20.70 -27.12 31.49
C ASP A 282 20.80 -25.64 31.83
N PRO A 283 20.88 -25.28 33.13
CA PRO A 283 20.90 -23.93 33.63
C PRO A 283 22.22 -23.21 33.35
N ASN A 284 23.24 -23.97 32.96
CA ASN A 284 24.55 -23.39 32.73
C ASN A 284 25.23 -23.89 31.45
N PRO A 285 24.70 -23.56 30.28
CA PRO A 285 25.23 -23.87 28.97
C PRO A 285 26.49 -23.03 28.74
N PRO A 286 27.34 -23.44 27.80
CA PRO A 286 28.61 -22.82 27.45
C PRO A 286 28.46 -21.52 26.68
N ILE A 287 27.83 -20.53 27.31
CA ILE A 287 27.56 -19.24 26.68
C ILE A 287 28.85 -18.54 26.27
N HIS A 288 29.90 -18.71 27.06
CA HIS A 288 31.18 -18.05 26.86
C HIS A 288 32.07 -18.71 25.81
N LYS A 289 31.64 -19.85 25.27
CA LYS A 289 32.48 -20.58 24.32
C LYS A 289 32.22 -20.12 22.87
N ILE A 290 32.36 -21.04 21.92
CA ILE A 290 32.27 -20.71 20.49
C ILE A 290 30.87 -20.19 20.13
N VAL A 291 29.90 -20.49 20.97
CA VAL A 291 28.54 -19.99 20.80
C VAL A 291 28.50 -18.47 20.92
N ARG A 292 29.56 -17.88 21.47
CA ARG A 292 29.67 -16.44 21.57
C ARG A 292 30.04 -15.82 20.22
N LYS A 293 30.53 -16.64 19.29
CA LYS A 293 31.01 -16.17 18.01
C LYS A 293 29.87 -15.97 17.00
N PRO A 294 29.76 -14.78 16.38
CA PRO A 294 28.78 -14.39 15.39
C PRO A 294 29.07 -15.04 14.05
N SER A 295 28.18 -14.81 13.08
CA SER A 295 28.25 -15.34 11.73
C SER A 295 27.74 -16.78 11.60
N ARG A 296 27.62 -17.48 12.74
CA ARG A 296 27.13 -18.85 12.75
C ARG A 296 25.87 -19.00 13.59
N ILE A 297 25.31 -17.86 14.00
CA ILE A 297 24.12 -17.88 14.83
C ILE A 297 23.01 -17.02 14.26
N LEU A 298 21.81 -17.60 14.20
CA LEU A 298 20.64 -16.87 13.76
C LEU A 298 19.61 -16.77 14.87
N PHE A 299 19.19 -15.56 15.15
CA PHE A 299 18.15 -15.30 16.13
C PHE A 299 16.81 -15.15 15.42
N LEU A 300 15.77 -15.78 15.96
CA LEU A 300 14.44 -15.60 15.40
C LEU A 300 13.59 -14.79 16.37
N MET A 301 13.29 -13.56 16.01
CA MET A 301 12.51 -12.68 16.86
C MET A 301 11.05 -12.72 16.45
N ASP A 302 10.28 -13.58 17.11
CA ASP A 302 8.94 -13.87 16.63
C ASP A 302 7.86 -13.01 17.29
N GLY A 303 7.33 -12.05 16.54
CA GLY A 303 6.26 -11.19 17.07
C GLY A 303 6.73 -9.85 17.58
N PHE A 304 7.49 -9.11 16.78
CA PHE A 304 7.94 -7.78 17.20
C PHE A 304 6.75 -6.93 17.68
N ASP A 305 5.65 -7.01 16.95
CA ASP A 305 4.45 -6.23 17.26
C ASP A 305 3.75 -6.73 18.52
N GLU A 306 4.11 -7.91 18.98
CA GLU A 306 3.47 -8.49 20.15
C GLU A 306 4.21 -8.14 21.43
N LEU A 307 5.30 -7.38 21.33
CA LEU A 307 6.01 -6.96 22.51
C LEU A 307 5.06 -6.12 23.36
N GLN A 308 4.94 -6.45 24.63
CA GLN A 308 4.01 -5.73 25.48
C GLN A 308 4.65 -4.55 26.17
N GLY A 309 4.01 -3.39 26.07
CA GLY A 309 4.49 -2.18 26.69
C GLY A 309 5.07 -1.22 25.67
N ALA A 310 5.29 0.02 26.08
CA ALA A 310 5.81 1.03 25.18
C ALA A 310 7.22 0.68 24.74
N PHE A 311 7.54 1.01 23.50
CA PHE A 311 8.86 0.75 22.96
C PHE A 311 9.41 2.00 22.29
N ASP A 312 10.56 2.45 22.74
CA ASP A 312 11.22 3.62 22.16
C ASP A 312 12.24 3.18 21.12
N GLU A 313 12.01 3.57 19.86
CA GLU A 313 12.89 3.18 18.77
C GLU A 313 14.18 4.01 18.74
N HIS A 314 14.20 5.09 19.52
CA HIS A 314 15.36 5.97 19.58
C HIS A 314 15.94 5.99 20.99
N ILE A 315 17.02 5.26 21.20
CA ILE A 315 17.65 5.13 22.50
C ILE A 315 19.10 5.61 22.50
N GLY A 316 19.39 6.51 23.43
CA GLY A 316 20.74 7.03 23.63
C GLY A 316 21.71 5.95 24.13
N PRO A 317 21.50 5.44 25.35
CA PRO A 317 22.29 4.41 26.01
C PRO A 317 21.96 3.02 25.46
N LEU A 318 22.50 2.71 24.29
CA LEU A 318 22.20 1.44 23.62
C LEU A 318 22.67 0.24 24.43
N CYS A 319 23.73 0.43 25.21
CA CYS A 319 24.22 -0.63 26.11
C CYS A 319 24.54 -1.94 25.42
N THR A 320 25.68 -1.97 24.73
CA THR A 320 26.19 -3.17 24.10
C THR A 320 26.89 -4.04 25.14
N ASP A 321 27.26 -5.26 24.74
CA ASP A 321 27.89 -6.25 25.62
C ASP A 321 26.85 -7.10 26.31
N TRP A 322 26.80 -8.37 25.94
CA TRP A 322 25.78 -9.29 26.42
C TRP A 322 25.88 -9.56 27.92
N GLN A 323 27.03 -9.21 28.50
CA GLN A 323 27.25 -9.46 29.91
C GLN A 323 26.57 -8.44 30.81
N LYS A 324 26.17 -7.30 30.24
CA LYS A 324 25.54 -6.26 31.03
C LYS A 324 24.03 -6.42 31.07
N ALA A 325 23.45 -6.41 32.26
CA ALA A 325 22.01 -6.49 32.39
C ALA A 325 21.38 -5.13 32.15
N GLU A 326 20.33 -5.11 31.33
CA GLU A 326 19.66 -3.87 31.02
C GLU A 326 18.19 -4.15 30.68
N ARG A 327 17.40 -3.11 30.45
CA ARG A 327 16.00 -3.30 30.10
C ARG A 327 15.84 -4.00 28.75
N GLY A 328 14.77 -4.78 28.64
CA GLY A 328 14.48 -5.54 27.42
C GLY A 328 14.37 -4.67 26.16
N ASP A 329 13.88 -3.44 26.29
CA ASP A 329 13.73 -2.60 25.11
C ASP A 329 15.10 -2.18 24.58
N ILE A 330 15.98 -1.82 25.50
CA ILE A 330 17.34 -1.43 25.16
C ILE A 330 18.08 -2.64 24.60
N LEU A 331 17.91 -3.79 25.24
CA LEU A 331 18.57 -5.01 24.81
C LEU A 331 18.14 -5.41 23.40
N LEU A 332 16.84 -5.36 23.14
CA LEU A 332 16.33 -5.69 21.82
C LEU A 332 16.78 -4.68 20.78
N SER A 333 16.83 -3.41 21.15
CA SER A 333 17.26 -2.38 20.22
C SER A 333 18.69 -2.62 19.76
N SER A 334 19.57 -2.93 20.71
CA SER A 334 20.97 -3.18 20.40
C SER A 334 21.15 -4.44 19.56
N LEU A 335 20.33 -5.45 19.81
CA LEU A 335 20.39 -6.67 19.00
C LEU A 335 19.91 -6.39 17.57
N ILE A 336 18.78 -5.69 17.45
CA ILE A 336 18.20 -5.40 16.14
C ILE A 336 19.10 -4.48 15.33
N ARG A 337 19.71 -3.50 16.00
CA ARG A 337 20.60 -2.54 15.36
C ARG A 337 21.98 -3.12 15.07
N LYS A 338 22.20 -4.38 15.42
CA LYS A 338 23.47 -5.05 15.21
C LYS A 338 24.62 -4.37 15.93
N LYS A 339 24.37 -3.91 17.15
CA LYS A 339 25.42 -3.32 17.98
C LYS A 339 25.84 -4.36 19.01
N LEU A 340 24.88 -5.18 19.40
CA LEU A 340 25.11 -6.28 20.32
C LEU A 340 25.33 -7.56 19.52
N LEU A 341 26.46 -8.21 19.76
CA LEU A 341 26.80 -9.41 19.01
C LEU A 341 26.63 -9.19 17.51
N PRO A 342 27.40 -8.27 16.91
CA PRO A 342 27.35 -7.87 15.53
C PRO A 342 27.81 -9.02 14.66
N GLU A 343 27.42 -9.00 13.38
CA GLU A 343 27.78 -10.02 12.42
C GLU A 343 27.01 -11.32 12.69
N ALA A 344 26.01 -11.24 13.55
CA ALA A 344 25.10 -12.34 13.76
C ALA A 344 23.90 -12.14 12.85
N SER A 345 23.19 -13.22 12.54
CA SER A 345 22.02 -13.10 11.70
C SER A 345 20.78 -12.92 12.56
N LEU A 346 19.81 -12.19 12.04
CA LEU A 346 18.56 -11.96 12.76
C LEU A 346 17.36 -11.98 11.84
N LEU A 347 16.37 -12.79 12.18
CA LEU A 347 15.14 -12.87 11.43
C LEU A 347 14.01 -12.35 12.29
N ILE A 348 13.26 -11.38 11.78
CA ILE A 348 12.19 -10.77 12.56
C ILE A 348 10.85 -11.00 11.90
N THR A 349 9.86 -11.45 12.68
CA THR A 349 8.51 -11.57 12.16
C THR A 349 7.68 -10.46 12.77
N THR A 350 6.87 -9.79 11.94
CA THR A 350 6.07 -8.68 12.45
C THR A 350 4.84 -8.39 11.61
N ARG A 351 3.83 -7.80 12.24
CA ARG A 351 2.71 -7.26 11.48
C ARG A 351 3.17 -5.98 10.78
N PRO A 352 2.80 -5.74 9.52
CA PRO A 352 3.18 -4.59 8.72
C PRO A 352 2.98 -3.26 9.44
N VAL A 353 1.96 -3.19 10.28
CA VAL A 353 1.68 -1.95 11.00
C VAL A 353 2.82 -1.55 11.93
N ALA A 354 3.53 -2.53 12.46
CA ALA A 354 4.56 -2.26 13.45
C ALA A 354 5.87 -1.88 12.79
N LEU A 355 5.90 -1.89 11.46
CA LEU A 355 7.10 -1.50 10.74
C LEU A 355 7.34 -0.01 10.92
N GLU A 356 6.30 0.70 11.37
CA GLU A 356 6.42 2.11 11.63
C GLU A 356 7.55 2.38 12.64
N LYS A 357 7.72 1.48 13.61
CA LYS A 357 8.81 1.64 14.57
C LYS A 357 10.04 0.84 14.17
N LEU A 358 9.81 -0.37 13.67
CA LEU A 358 10.91 -1.27 13.36
C LEU A 358 11.84 -0.68 12.30
N GLN A 359 11.28 0.09 11.37
CA GLN A 359 12.07 0.66 10.28
C GLN A 359 13.25 1.50 10.77
N HIS A 360 13.19 1.98 12.00
CA HIS A 360 14.23 2.85 12.53
C HIS A 360 15.35 2.05 13.16
N LEU A 361 15.12 0.75 13.35
CA LEU A 361 16.11 -0.10 13.98
C LEU A 361 16.86 -0.94 12.95
N LEU A 362 16.18 -1.23 11.84
CA LEU A 362 16.70 -2.14 10.82
C LEU A 362 17.82 -1.57 9.96
N ASP A 363 17.71 -0.29 9.62
CA ASP A 363 18.64 0.38 8.71
C ASP A 363 18.66 -0.19 7.29
N HIS A 364 19.18 -1.41 7.13
CA HIS A 364 19.29 -2.01 5.79
C HIS A 364 18.88 -3.50 5.75
N PRO A 365 17.60 -3.80 6.00
CA PRO A 365 17.00 -5.12 6.05
C PRO A 365 16.66 -5.67 4.67
N ARG A 366 16.49 -6.99 4.61
CA ARG A 366 15.83 -7.64 3.48
C ARG A 366 14.39 -7.93 3.88
N HIS A 367 13.43 -7.61 3.01
CA HIS A 367 12.04 -7.82 3.37
C HIS A 367 11.35 -8.93 2.59
N VAL A 368 10.60 -9.74 3.31
CA VAL A 368 9.78 -10.80 2.75
C VAL A 368 8.35 -10.68 3.25
N GLU A 369 7.38 -10.74 2.34
CA GLU A 369 5.99 -10.72 2.75
C GLU A 369 5.41 -12.12 2.77
N ILE A 370 4.64 -12.42 3.80
CA ILE A 370 3.98 -13.71 3.90
C ILE A 370 2.54 -13.62 3.44
N LEU A 371 2.21 -14.40 2.43
CA LEU A 371 0.87 -14.47 1.90
C LEU A 371 0.28 -15.82 2.28
N GLY A 372 -1.02 -15.88 2.34
CA GLY A 372 -1.66 -17.09 2.83
C GLY A 372 -1.79 -18.16 1.76
N PHE A 373 -2.82 -18.97 1.89
CA PHE A 373 -3.01 -20.14 1.05
C PHE A 373 -3.59 -19.79 -0.31
N SER A 374 -3.09 -20.45 -1.33
CA SER A 374 -3.70 -20.40 -2.65
C SER A 374 -4.92 -21.30 -2.64
N GLU A 375 -5.74 -21.26 -3.67
CA GLU A 375 -6.93 -22.10 -3.67
C GLU A 375 -6.59 -23.56 -3.50
N ALA A 376 -5.49 -23.98 -4.12
CA ALA A 376 -5.04 -25.36 -4.01
C ALA A 376 -4.64 -25.69 -2.57
N LYS A 377 -4.05 -24.72 -1.89
CA LYS A 377 -3.56 -24.96 -0.54
C LYS A 377 -4.69 -24.94 0.47
N ARG A 378 -5.76 -24.22 0.16
CA ARG A 378 -6.92 -24.27 1.03
C ARG A 378 -7.45 -25.69 1.06
N LYS A 379 -7.58 -26.30 -0.13
CA LYS A 379 -8.08 -27.66 -0.23
C LYS A 379 -7.20 -28.63 0.53
N GLU A 380 -5.88 -28.46 0.42
CA GLU A 380 -4.96 -29.35 1.12
C GLU A 380 -5.18 -29.26 2.62
N TYR A 381 -5.40 -28.06 3.12
CA TYR A 381 -5.60 -27.87 4.54
C TYR A 381 -6.79 -28.67 5.03
N PHE A 382 -7.90 -28.57 4.32
CA PHE A 382 -9.12 -29.26 4.74
C PHE A 382 -8.93 -30.77 4.70
N PHE A 383 -8.24 -31.24 3.68
CA PHE A 383 -8.01 -32.67 3.52
C PHE A 383 -7.04 -33.20 4.56
N LYS A 384 -6.13 -32.37 5.01
CA LYS A 384 -5.20 -32.78 6.06
C LYS A 384 -5.84 -32.67 7.43
N TYR A 385 -6.71 -31.69 7.62
CA TYR A 385 -7.38 -31.49 8.90
C TYR A 385 -8.32 -32.64 9.23
N PHE A 386 -9.19 -32.98 8.29
CA PHE A 386 -10.19 -34.02 8.52
C PHE A 386 -9.68 -35.38 8.06
N SER A 387 -9.42 -36.27 9.03
CA SER A 387 -8.91 -37.59 8.73
C SER A 387 -9.92 -38.41 7.93
N ASP A 388 -11.20 -38.10 8.12
CA ASP A 388 -12.25 -38.72 7.35
C ASP A 388 -12.43 -37.99 6.03
N GLU A 389 -12.08 -38.66 4.94
CA GLU A 389 -12.10 -38.06 3.62
C GLU A 389 -13.49 -37.63 3.20
N ALA A 390 -14.51 -38.36 3.62
CA ALA A 390 -15.87 -38.02 3.24
C ALA A 390 -16.26 -36.71 3.89
N GLN A 391 -15.81 -36.53 5.13
CA GLN A 391 -16.07 -35.30 5.86
C GLN A 391 -15.26 -34.15 5.28
N ALA A 392 -14.02 -34.45 4.89
CA ALA A 392 -13.14 -33.44 4.34
C ALA A 392 -13.71 -32.86 3.06
N ARG A 393 -14.30 -33.71 2.23
CA ARG A 393 -14.89 -33.27 0.99
C ARG A 393 -16.17 -32.48 1.25
N ALA A 394 -16.99 -32.94 2.17
CA ALA A 394 -18.22 -32.24 2.50
C ALA A 394 -17.91 -30.86 3.04
N ALA A 395 -16.89 -30.76 3.89
CA ALA A 395 -16.51 -29.49 4.49
C ALA A 395 -15.99 -28.55 3.42
N PHE A 396 -15.16 -29.08 2.53
CA PHE A 396 -14.59 -28.25 1.49
C PHE A 396 -15.69 -27.68 0.61
N SER A 397 -16.62 -28.54 0.18
CA SER A 397 -17.69 -28.11 -0.71
C SER A 397 -18.58 -27.07 -0.07
N LEU A 398 -18.90 -27.26 1.21
CA LEU A 398 -19.75 -26.31 1.90
C LEU A 398 -19.12 -24.92 1.91
N ILE A 399 -17.81 -24.89 2.13
CA ILE A 399 -17.07 -23.63 2.15
C ILE A 399 -16.88 -23.07 0.75
N GLN A 400 -16.56 -23.93 -0.22
CA GLN A 400 -16.36 -23.49 -1.59
C GLN A 400 -17.58 -22.75 -2.11
N GLU A 401 -18.77 -23.19 -1.71
CA GLU A 401 -20.02 -22.55 -2.11
C GLU A 401 -20.19 -21.16 -1.47
N ASN A 402 -19.47 -20.89 -0.39
CA ASN A 402 -19.52 -19.62 0.30
C ASN A 402 -18.36 -18.75 -0.17
N GLU A 403 -18.59 -17.98 -1.23
CA GLU A 403 -17.52 -17.25 -1.90
C GLU A 403 -16.78 -16.32 -0.96
N VAL A 404 -17.52 -15.69 -0.06
CA VAL A 404 -16.94 -14.74 0.87
C VAL A 404 -16.04 -15.43 1.89
N LEU A 405 -16.51 -16.53 2.46
CA LEU A 405 -15.72 -17.25 3.43
C LEU A 405 -14.51 -17.90 2.77
N PHE A 406 -14.72 -18.43 1.57
CA PHE A 406 -13.63 -19.06 0.84
C PHE A 406 -12.52 -18.05 0.65
N THR A 407 -12.88 -16.82 0.27
CA THR A 407 -11.91 -15.76 0.10
C THR A 407 -11.16 -15.49 1.41
N MET A 408 -11.89 -15.38 2.52
CA MET A 408 -11.27 -15.12 3.81
C MET A 408 -10.35 -16.25 4.24
N CYS A 409 -10.67 -17.46 3.82
CA CYS A 409 -9.90 -18.65 4.21
C CYS A 409 -8.47 -18.66 3.68
N PHE A 410 -8.06 -17.65 2.93
CA PHE A 410 -6.65 -17.61 2.53
C PHE A 410 -5.78 -17.52 3.77
N ILE A 411 -6.35 -17.01 4.86
CA ILE A 411 -5.66 -16.90 6.12
C ILE A 411 -5.78 -18.23 6.90
N PRO A 412 -4.67 -18.92 7.17
CA PRO A 412 -4.60 -20.18 7.88
C PRO A 412 -5.42 -20.20 9.15
N LEU A 413 -5.44 -19.09 9.87
CA LEU A 413 -6.24 -18.99 11.07
C LEU A 413 -7.72 -19.12 10.78
N VAL A 414 -8.17 -18.54 9.68
CA VAL A 414 -9.58 -18.61 9.33
C VAL A 414 -9.93 -20.04 9.03
N CYS A 415 -9.06 -20.72 8.29
CA CYS A 415 -9.30 -22.12 7.98
C CYS A 415 -9.42 -22.94 9.25
N TRP A 416 -8.51 -22.70 10.19
CA TRP A 416 -8.52 -23.43 11.45
C TRP A 416 -9.82 -23.20 12.22
N ILE A 417 -10.24 -21.95 12.30
CA ILE A 417 -11.45 -21.61 13.03
C ILE A 417 -12.66 -22.30 12.42
N VAL A 418 -12.75 -22.26 11.10
CA VAL A 418 -13.88 -22.86 10.41
C VAL A 418 -13.87 -24.38 10.55
N CYS A 419 -12.70 -24.99 10.40
CA CYS A 419 -12.59 -26.44 10.51
C CYS A 419 -13.00 -26.92 11.88
N THR A 420 -12.57 -26.22 12.92
CA THR A 420 -12.91 -26.60 14.28
C THR A 420 -14.40 -26.52 14.50
N GLY A 421 -15.02 -25.46 14.00
CA GLY A 421 -16.46 -25.30 14.13
C GLY A 421 -17.19 -26.47 13.48
N LEU A 422 -16.80 -26.80 12.25
CA LEU A 422 -17.45 -27.89 11.53
C LEU A 422 -17.27 -29.23 12.24
N LYS A 423 -16.07 -29.47 12.78
CA LYS A 423 -15.81 -30.70 13.51
C LYS A 423 -16.76 -30.85 14.68
N GLN A 424 -16.96 -29.76 15.42
CA GLN A 424 -17.86 -29.80 16.57
C GLN A 424 -19.30 -30.06 16.14
N GLN A 425 -19.71 -29.46 15.03
CA GLN A 425 -21.06 -29.64 14.53
C GLN A 425 -21.28 -31.09 14.11
N MET A 426 -20.25 -31.71 13.53
CA MET A 426 -20.35 -33.12 13.14
C MET A 426 -20.57 -34.00 14.35
N GLU A 427 -19.76 -33.79 15.39
CA GLU A 427 -19.83 -34.60 16.60
C GLU A 427 -21.19 -34.51 17.28
N SER A 428 -21.80 -33.33 17.23
CA SER A 428 -23.09 -33.09 17.88
C SER A 428 -24.30 -33.44 17.02
N GLY A 429 -24.06 -33.90 15.78
CA GLY A 429 -25.16 -34.28 14.90
C GLY A 429 -25.92 -33.08 14.33
N LYS A 430 -25.23 -31.97 14.11
CA LYS A 430 -25.85 -30.76 13.59
C LYS A 430 -25.79 -30.68 12.06
N SER A 431 -26.44 -29.66 11.50
CA SER A 431 -26.53 -29.48 10.05
C SER A 431 -25.20 -29.12 9.39
N LEU A 432 -24.24 -28.73 10.21
CA LEU A 432 -22.89 -28.34 9.75
C LEU A 432 -22.89 -27.05 8.97
N ALA A 433 -23.98 -26.29 9.03
CA ALA A 433 -24.08 -25.05 8.26
C ALA A 433 -23.03 -24.04 8.69
N GLN A 434 -22.48 -23.34 7.70
CA GLN A 434 -21.51 -22.27 7.90
C GLN A 434 -21.76 -21.14 6.91
N THR A 435 -22.48 -20.13 7.36
CA THR A 435 -22.95 -19.06 6.50
C THR A 435 -22.33 -17.71 6.84
N SER A 436 -21.22 -17.73 7.57
CA SER A 436 -20.56 -16.50 7.97
C SER A 436 -20.08 -15.70 6.75
N LYS A 437 -20.19 -14.37 6.84
CA LYS A 437 -19.75 -13.49 5.76
C LYS A 437 -18.60 -12.57 6.18
N THR A 438 -18.48 -12.32 7.46
CA THR A 438 -17.50 -11.37 7.95
C THR A 438 -16.58 -12.04 8.96
N THR A 439 -15.49 -11.37 9.31
CA THR A 439 -14.57 -11.93 10.29
C THR A 439 -15.27 -12.08 11.62
N THR A 440 -16.05 -11.07 11.98
CA THR A 440 -16.80 -11.12 13.23
C THR A 440 -17.75 -12.30 13.22
N ALA A 441 -18.47 -12.49 12.12
CA ALA A 441 -19.42 -13.59 12.04
C ALA A 441 -18.72 -14.92 12.26
N VAL A 442 -17.50 -15.06 11.74
CA VAL A 442 -16.75 -16.29 11.92
C VAL A 442 -16.39 -16.50 13.39
N TYR A 443 -15.93 -15.45 14.05
CA TYR A 443 -15.56 -15.56 15.46
C TYR A 443 -16.76 -15.80 16.35
N VAL A 444 -17.87 -15.15 16.06
CA VAL A 444 -19.08 -15.36 16.86
C VAL A 444 -19.57 -16.78 16.68
N PHE A 445 -19.58 -17.26 15.44
CA PHE A 445 -19.99 -18.62 15.14
C PHE A 445 -19.15 -19.63 15.92
N PHE A 446 -17.84 -19.47 15.85
CA PHE A 446 -16.91 -20.36 16.54
C PHE A 446 -17.17 -20.40 18.03
N LEU A 447 -17.22 -19.24 18.66
CA LEU A 447 -17.38 -19.19 20.09
C LEU A 447 -18.76 -19.66 20.51
N SER A 448 -19.78 -19.33 19.72
CA SER A 448 -21.13 -19.76 20.03
C SER A 448 -21.23 -21.27 20.02
N SER A 449 -20.68 -21.89 18.98
CA SER A 449 -20.74 -23.34 18.86
C SER A 449 -20.06 -24.04 20.03
N LEU A 450 -18.98 -23.45 20.52
CA LEU A 450 -18.27 -24.03 21.65
C LEU A 450 -18.99 -23.81 22.98
N LEU A 451 -19.62 -22.65 23.14
CA LEU A 451 -20.32 -22.34 24.38
C LEU A 451 -21.67 -23.05 24.50
N GLN A 452 -22.35 -23.26 23.39
CA GLN A 452 -23.67 -23.91 23.42
C GLN A 452 -23.71 -25.24 24.24
N PRO A 453 -22.79 -26.24 24.01
CA PRO A 453 -22.68 -27.46 24.80
C PRO A 453 -21.82 -27.23 26.04
N LEU A 462 -21.89 -21.91 32.48
CA LEU A 462 -21.02 -22.06 31.32
C LEU A 462 -20.95 -20.77 30.51
N CYS A 463 -22.12 -20.27 30.07
CA CYS A 463 -22.24 -19.04 29.29
C CYS A 463 -22.38 -17.82 30.19
N ALA A 464 -22.44 -18.08 31.49
CA ALA A 464 -22.59 -17.03 32.50
C ALA A 464 -21.26 -16.40 32.86
N HIS A 465 -20.19 -16.89 32.26
CA HIS A 465 -18.84 -16.44 32.56
C HIS A 465 -18.33 -15.48 31.51
N LEU A 466 -19.20 -15.07 30.59
CA LEU A 466 -18.81 -14.19 29.50
C LEU A 466 -18.26 -12.87 30.00
N TRP A 467 -18.87 -12.33 31.06
CA TRP A 467 -18.42 -11.05 31.60
C TRP A 467 -16.98 -11.11 32.05
N GLY A 468 -16.66 -12.09 32.88
CA GLY A 468 -15.32 -12.21 33.42
C GLY A 468 -14.32 -12.46 32.30
N LEU A 469 -14.73 -13.24 31.32
CA LEU A 469 -13.86 -13.58 30.21
C LEU A 469 -13.52 -12.36 29.38
N CYS A 470 -14.54 -11.55 29.08
CA CYS A 470 -14.34 -10.34 28.30
C CYS A 470 -13.56 -9.31 29.09
N SER A 471 -13.84 -9.20 30.38
CA SER A 471 -13.18 -8.24 31.25
C SER A 471 -11.69 -8.56 31.32
N LEU A 472 -11.36 -9.85 31.44
CA LEU A 472 -9.98 -10.29 31.48
C LEU A 472 -9.25 -9.85 30.22
N ALA A 473 -9.85 -10.11 29.06
CA ALA A 473 -9.25 -9.74 27.80
C ALA A 473 -9.06 -8.23 27.68
N ALA A 474 -10.09 -7.48 28.10
CA ALA A 474 -10.03 -6.02 28.00
C ALA A 474 -8.92 -5.48 28.88
N ASP A 475 -8.74 -6.05 30.05
CA ASP A 475 -7.71 -5.62 30.96
C ASP A 475 -6.35 -5.84 30.33
N GLY A 476 -6.19 -7.00 29.71
CA GLY A 476 -4.93 -7.35 29.07
C GLY A 476 -4.56 -6.39 27.96
N ILE A 477 -5.54 -5.88 27.23
CA ILE A 477 -5.22 -4.95 26.15
C ILE A 477 -4.74 -3.63 26.72
N TRP A 478 -5.45 -3.11 27.70
CA TRP A 478 -5.13 -1.81 28.29
C TRP A 478 -3.88 -1.83 29.16
N ASN A 479 -3.62 -2.94 29.82
CA ASN A 479 -2.47 -3.05 30.71
C ASN A 479 -1.32 -3.78 30.04
N GLN A 480 -1.45 -4.05 28.75
CA GLN A 480 -0.41 -4.73 27.99
C GLN A 480 0.04 -6.03 28.64
N LYS A 481 -0.90 -6.94 28.78
CA LYS A 481 -0.65 -8.24 29.39
C LYS A 481 -1.28 -9.36 28.57
N ILE A 482 -0.46 -10.30 28.13
CA ILE A 482 -0.95 -11.46 27.37
C ILE A 482 -0.97 -12.72 28.21
N LEU A 483 0.07 -12.90 29.01
CA LEU A 483 0.16 -14.08 29.86
C LEU A 483 -0.45 -13.78 31.20
N PHE A 484 -1.31 -14.68 31.67
CA PHE A 484 -2.00 -14.49 32.93
C PHE A 484 -1.67 -15.59 33.92
N GLU A 485 -1.76 -15.28 35.20
CA GLU A 485 -1.57 -16.26 36.26
C GLU A 485 -2.91 -16.62 36.87
N GLU A 486 -2.92 -17.58 37.80
CA GLU A 486 -4.17 -17.98 38.44
C GLU A 486 -4.80 -16.80 39.16
N SER A 487 -3.97 -15.90 39.69
CA SER A 487 -4.46 -14.72 40.40
C SER A 487 -5.26 -13.82 39.47
N ASP A 488 -4.87 -13.77 38.20
CA ASP A 488 -5.51 -12.87 37.25
C ASP A 488 -6.82 -13.46 36.79
N LEU A 489 -6.87 -14.78 36.73
CA LEU A 489 -8.11 -15.44 36.36
C LEU A 489 -9.12 -15.27 37.50
N ARG A 490 -8.67 -15.48 38.73
CA ARG A 490 -9.56 -15.35 39.88
C ARG A 490 -10.07 -13.93 40.03
N ASN A 491 -9.22 -12.95 39.72
CA ASN A 491 -9.59 -11.54 39.86
C ASN A 491 -10.72 -11.14 38.91
N HIS A 492 -10.97 -11.96 37.89
CA HIS A 492 -12.00 -11.66 36.92
C HIS A 492 -13.14 -12.68 36.98
N GLY A 493 -13.18 -13.48 38.03
CA GLY A 493 -14.25 -14.45 38.21
C GLY A 493 -14.02 -15.78 37.51
N LEU A 494 -12.77 -16.06 37.10
CA LEU A 494 -12.46 -17.31 36.43
C LEU A 494 -11.66 -18.20 37.39
N GLN A 495 -12.21 -19.35 37.75
CA GLN A 495 -11.51 -20.20 38.71
C GLN A 495 -11.76 -21.69 38.51
N LYS A 496 -10.73 -22.37 38.05
CA LYS A 496 -10.70 -23.81 37.86
C LYS A 496 -11.79 -24.39 36.95
N ALA A 497 -13.03 -24.36 37.42
CA ALA A 497 -14.11 -25.07 36.72
C ALA A 497 -14.38 -24.49 35.34
N ASP A 498 -14.47 -23.17 35.26
CA ASP A 498 -14.74 -22.54 33.97
C ASP A 498 -13.47 -22.44 33.16
N VAL A 499 -12.34 -22.38 33.85
CA VAL A 499 -11.07 -22.31 33.17
C VAL A 499 -10.84 -23.60 32.43
N SER A 500 -11.11 -24.72 33.10
CA SER A 500 -10.99 -26.03 32.48
C SER A 500 -11.95 -26.12 31.31
N ALA A 501 -13.17 -25.62 31.49
CA ALA A 501 -14.14 -25.65 30.42
C ALA A 501 -13.59 -24.96 29.19
N PHE A 502 -12.82 -23.88 29.39
CA PHE A 502 -12.27 -23.10 28.29
C PHE A 502 -10.96 -23.68 27.76
N LEU A 503 -10.56 -24.83 28.29
CA LEU A 503 -9.42 -25.55 27.76
C LEU A 503 -9.98 -26.73 26.95
N ARG A 504 -11.06 -27.31 27.46
CA ARG A 504 -11.75 -28.38 26.73
C ARG A 504 -12.17 -27.83 25.38
N MET A 505 -12.84 -26.68 25.40
CA MET A 505 -13.08 -25.94 24.17
C MET A 505 -11.85 -25.07 23.98
N ASN A 506 -11.45 -24.83 22.75
CA ASN A 506 -10.16 -24.17 22.54
C ASN A 506 -10.23 -22.65 22.65
N LEU A 507 -10.31 -22.12 23.87
CA LEU A 507 -10.25 -20.67 24.07
C LEU A 507 -8.93 -20.24 24.68
N PHE A 508 -8.42 -21.03 25.61
CA PHE A 508 -7.15 -20.75 26.29
C PHE A 508 -6.11 -21.85 26.12
N GLN A 509 -4.85 -21.49 26.33
CA GLN A 509 -3.75 -22.43 26.34
C GLN A 509 -2.91 -22.24 27.60
N LYS A 510 -2.27 -23.31 28.10
CA LYS A 510 -1.50 -23.20 29.34
C LYS A 510 0.04 -23.29 29.16
N GLU A 511 0.49 -23.89 28.05
CA GLU A 511 1.90 -24.20 27.78
C GLU A 511 2.31 -25.48 28.51
N VAL A 512 3.08 -26.35 27.84
CA VAL A 512 3.41 -27.66 28.41
C VAL A 512 4.89 -27.91 28.69
N ASP A 513 5.78 -27.06 28.17
CA ASP A 513 7.20 -27.32 28.35
C ASP A 513 7.70 -26.79 29.69
N CYS A 514 7.28 -27.44 30.77
CA CYS A 514 7.67 -27.07 32.13
C CYS A 514 7.40 -25.61 32.46
N GLU A 515 6.20 -25.15 32.12
CA GLU A 515 5.79 -23.78 32.39
C GLU A 515 4.29 -23.74 32.72
N LYS A 516 3.85 -22.73 33.46
CA LYS A 516 2.45 -22.65 33.87
C LYS A 516 1.85 -21.23 33.84
N PHE A 517 1.28 -20.86 32.70
CA PHE A 517 0.58 -19.57 32.53
C PHE A 517 -0.68 -19.81 31.74
N TYR A 518 -1.50 -18.79 31.59
CA TYR A 518 -2.66 -18.90 30.71
C TYR A 518 -2.71 -17.77 29.72
N SER A 519 -3.14 -18.07 28.50
CA SER A 519 -3.32 -17.05 27.49
C SER A 519 -4.31 -17.50 26.43
N PHE A 520 -4.75 -16.57 25.60
CA PHE A 520 -5.69 -16.88 24.54
C PHE A 520 -5.00 -17.60 23.39
N ILE A 521 -5.77 -18.41 22.68
CA ILE A 521 -5.22 -19.18 21.55
C ILE A 521 -4.63 -18.28 20.46
N HIS A 522 -5.11 -17.06 20.37
CA HIS A 522 -4.55 -16.11 19.41
C HIS A 522 -4.84 -14.70 19.84
N MET A 523 -3.95 -13.77 19.49
CA MET A 523 -4.15 -12.38 19.84
C MET A 523 -5.46 -11.83 19.30
N THR A 524 -5.93 -12.35 18.17
CA THR A 524 -7.19 -11.88 17.62
C THR A 524 -8.37 -12.25 18.49
N PHE A 525 -8.26 -13.36 19.22
CA PHE A 525 -9.34 -13.78 20.10
C PHE A 525 -9.35 -12.91 21.34
N GLN A 526 -8.17 -12.57 21.83
CA GLN A 526 -8.11 -11.68 22.98
C GLN A 526 -8.74 -10.34 22.62
N GLU A 527 -8.40 -9.83 21.43
CA GLU A 527 -8.94 -8.57 20.97
C GLU A 527 -10.45 -8.67 20.73
N PHE A 528 -10.92 -9.81 20.24
CA PHE A 528 -12.34 -10.00 20.04
C PHE A 528 -13.09 -9.80 21.33
N PHE A 529 -12.65 -10.48 22.39
CA PHE A 529 -13.30 -10.40 23.67
C PHE A 529 -13.19 -9.01 24.26
N ALA A 530 -12.03 -8.39 24.08
CA ALA A 530 -11.82 -7.05 24.59
C ALA A 530 -12.79 -6.09 23.94
N ALA A 531 -13.15 -6.30 22.69
CA ALA A 531 -14.11 -5.48 22.00
C ALA A 531 -15.52 -5.71 22.55
N MET A 532 -15.84 -7.00 22.74
CA MET A 532 -17.16 -7.38 23.22
C MET A 532 -17.41 -6.83 24.61
N TYR A 533 -16.36 -6.71 25.40
CA TYR A 533 -16.45 -6.14 26.72
C TYR A 533 -17.22 -4.82 26.73
N TYR A 534 -16.97 -3.96 25.75
CA TYR A 534 -17.56 -2.64 25.72
C TYR A 534 -19.07 -2.69 25.51
N LEU A 535 -19.56 -3.79 24.96
CA LEU A 535 -20.95 -3.91 24.58
C LEU A 535 -21.79 -4.73 25.58
N LEU A 536 -21.14 -5.26 26.61
CA LEU A 536 -21.86 -6.14 27.54
C LEU A 536 -22.76 -5.36 28.48
N GLU A 537 -23.88 -5.98 28.87
CA GLU A 537 -24.78 -5.48 29.93
C GLU A 537 -25.39 -4.14 29.54
N LEU A 553 -11.67 -3.03 35.52
CA LEU A 553 -12.64 -2.35 34.67
C LEU A 553 -12.00 -1.05 34.11
N PRO A 554 -11.13 -1.13 33.07
CA PRO A 554 -10.34 -0.06 32.49
C PRO A 554 -11.09 1.23 32.14
N SER A 555 -12.29 1.11 31.60
CA SER A 555 -13.02 2.32 31.19
C SER A 555 -14.46 2.05 30.74
N ARG A 556 -14.57 1.21 29.71
CA ARG A 556 -15.83 0.96 28.98
C ARG A 556 -16.23 2.19 28.16
N ASP A 557 -15.26 3.08 27.95
CA ASP A 557 -15.46 4.28 27.15
C ASP A 557 -14.83 4.15 25.77
N VAL A 558 -15.66 4.03 24.75
CA VAL A 558 -15.15 3.84 23.41
C VAL A 558 -14.33 5.03 22.94
N THR A 559 -14.56 6.20 23.53
CA THR A 559 -13.83 7.38 23.09
C THR A 559 -12.34 7.23 23.37
N VAL A 560 -11.98 6.84 24.58
CA VAL A 560 -10.57 6.70 24.92
C VAL A 560 -9.97 5.53 24.14
N LEU A 561 -10.79 4.52 23.87
CA LEU A 561 -10.31 3.39 23.09
C LEU A 561 -9.88 3.86 21.70
N LEU A 562 -10.73 4.62 21.04
CA LEU A 562 -10.45 5.09 19.69
C LEU A 562 -9.26 6.04 19.64
N GLU A 563 -9.08 6.83 20.69
CA GLU A 563 -7.97 7.78 20.77
C GLU A 563 -6.61 7.11 20.75
N ASN A 564 -6.57 5.83 21.10
CA ASN A 564 -5.31 5.09 21.16
C ASN A 564 -5.15 4.13 19.98
N TYR A 565 -6.01 4.26 18.98
CA TYR A 565 -6.04 3.36 17.84
C TYR A 565 -4.70 3.20 17.12
N GLY A 566 -4.03 4.29 16.85
CA GLY A 566 -2.82 4.20 16.03
C GLY A 566 -1.57 3.95 16.86
N LYS A 567 -1.73 3.71 18.15
CA LYS A 567 -0.58 3.61 19.03
C LYS A 567 -0.09 2.19 19.25
N PHE A 568 1.21 2.01 19.07
CA PHE A 568 1.91 0.75 19.34
C PHE A 568 1.68 0.32 20.77
N GLU A 569 1.73 1.29 21.67
CA GLU A 569 1.63 1.08 23.10
C GLU A 569 0.40 0.30 23.54
N LYS A 570 -0.66 0.33 22.73
CA LYS A 570 -1.89 -0.37 23.08
C LYS A 570 -2.14 -1.53 22.13
N GLY A 571 -1.15 -1.84 21.29
CA GLY A 571 -1.26 -2.93 20.34
C GLY A 571 -2.03 -2.56 19.08
N TYR A 572 -2.15 -1.26 18.82
CA TYR A 572 -2.87 -0.71 17.67
C TYR A 572 -4.39 -0.92 17.70
N LEU A 573 -4.87 -1.88 18.48
CA LEU A 573 -6.30 -2.04 18.64
C LEU A 573 -7.03 -2.19 17.31
N ILE A 574 -6.35 -2.73 16.31
CA ILE A 574 -6.94 -2.83 14.99
C ILE A 574 -8.12 -3.76 14.97
N PHE A 575 -7.94 -4.92 15.59
CA PHE A 575 -9.02 -5.87 15.63
C PHE A 575 -10.05 -5.51 16.68
N VAL A 576 -9.63 -4.82 17.72
CA VAL A 576 -10.59 -4.44 18.75
C VAL A 576 -11.65 -3.55 18.14
N VAL A 577 -11.21 -2.55 17.38
CA VAL A 577 -12.14 -1.64 16.73
C VAL A 577 -12.88 -2.33 15.58
N ARG A 578 -12.14 -3.08 14.77
CA ARG A 578 -12.76 -3.79 13.66
C ARG A 578 -13.88 -4.70 14.14
N PHE A 579 -13.67 -5.38 15.27
CA PHE A 579 -14.70 -6.24 15.83
C PHE A 579 -15.86 -5.44 16.39
N LEU A 580 -15.61 -4.26 16.95
CA LEU A 580 -16.72 -3.44 17.44
C LEU A 580 -17.65 -3.10 16.28
N PHE A 581 -17.09 -2.81 15.12
CA PHE A 581 -17.94 -2.51 13.98
C PHE A 581 -18.84 -3.70 13.67
N GLY A 582 -18.26 -4.89 13.66
CA GLY A 582 -19.01 -6.11 13.37
C GLY A 582 -20.07 -6.43 14.43
N LEU A 583 -19.71 -6.24 15.70
CA LEU A 583 -20.61 -6.57 16.80
C LEU A 583 -21.73 -5.53 16.93
N VAL A 584 -21.40 -4.27 16.68
CA VAL A 584 -22.41 -3.22 16.75
C VAL A 584 -23.21 -3.20 15.46
N ASN A 585 -24.13 -4.14 15.36
CA ASN A 585 -24.92 -4.34 14.15
C ASN A 585 -26.32 -4.81 14.51
N GLN A 586 -27.32 -4.21 13.87
CA GLN A 586 -28.71 -4.57 14.10
C GLN A 586 -28.95 -6.01 13.67
N GLU A 587 -28.23 -6.46 12.65
CA GLU A 587 -28.39 -7.82 12.15
C GLU A 587 -27.63 -8.79 13.04
N ARG A 588 -28.18 -9.03 14.22
CA ARG A 588 -27.57 -9.86 15.24
C ARG A 588 -28.44 -11.09 15.51
N THR A 589 -27.84 -12.11 16.12
CA THR A 589 -28.56 -13.33 16.45
C THR A 589 -28.45 -13.68 17.94
N SER A 590 -28.81 -14.91 18.26
CA SER A 590 -28.80 -15.39 19.65
C SER A 590 -27.45 -15.98 20.01
N TYR A 591 -27.39 -16.61 21.18
CA TYR A 591 -26.18 -17.25 21.67
C TYR A 591 -25.06 -16.26 21.94
N LEU A 592 -24.98 -15.80 23.19
CA LEU A 592 -23.94 -14.86 23.65
C LEU A 592 -24.16 -13.45 23.11
N GLU A 593 -24.29 -13.32 21.79
CA GLU A 593 -24.49 -12.02 21.14
C GLU A 593 -25.71 -11.29 21.70
N LYS A 594 -26.74 -12.04 22.10
CA LYS A 594 -27.95 -11.46 22.64
C LYS A 594 -27.74 -10.81 24.01
N LYS A 595 -26.58 -11.02 24.61
CA LYS A 595 -26.29 -10.49 25.94
C LYS A 595 -25.69 -9.09 25.86
N LEU A 596 -25.56 -8.58 24.65
CA LEU A 596 -25.03 -7.24 24.43
C LEU A 596 -26.16 -6.24 24.55
N SER A 597 -25.84 -5.04 25.03
CA SER A 597 -26.86 -4.01 25.23
C SER A 597 -27.18 -3.23 23.97
N CYS A 598 -28.47 -3.11 23.68
CA CYS A 598 -28.92 -2.35 22.52
C CYS A 598 -28.71 -0.86 22.74
N LYS A 599 -28.86 -0.41 23.98
CA LYS A 599 -28.64 0.99 24.30
C LYS A 599 -27.20 1.36 24.09
N ILE A 600 -26.29 0.49 24.51
CA ILE A 600 -24.87 0.74 24.30
C ILE A 600 -24.55 0.65 22.82
N SER A 601 -25.07 -0.37 22.16
CA SER A 601 -24.80 -0.56 20.74
C SER A 601 -25.08 0.71 19.96
N GLN A 602 -26.22 1.36 20.22
CA GLN A 602 -26.53 2.60 19.54
C GLN A 602 -25.56 3.72 19.89
N GLN A 603 -25.16 3.80 21.15
CA GLN A 603 -24.21 4.83 21.56
C GLN A 603 -22.88 4.65 20.85
N ILE A 604 -22.45 3.40 20.71
CA ILE A 604 -21.19 3.09 20.05
C ILE A 604 -21.31 3.35 18.56
N ARG A 605 -22.42 2.92 17.98
CA ARG A 605 -22.64 3.08 16.55
C ARG A 605 -22.45 4.53 16.14
N LEU A 606 -23.04 5.44 16.90
CA LEU A 606 -22.94 6.85 16.58
C LEU A 606 -21.51 7.36 16.71
N GLU A 607 -20.79 6.90 17.73
CA GLU A 607 -19.41 7.31 17.90
C GLU A 607 -18.53 6.81 16.77
N LEU A 608 -18.84 5.61 16.28
CA LEU A 608 -18.06 5.03 15.19
C LEU A 608 -18.23 5.86 13.91
N LEU A 609 -19.44 6.37 13.67
CA LEU A 609 -19.66 7.21 12.50
C LEU A 609 -18.83 8.49 12.58
N LYS A 610 -18.81 9.10 13.76
CA LYS A 610 -18.02 10.31 13.94
C LYS A 610 -16.55 10.03 13.75
N TRP A 611 -16.10 8.87 14.24
CA TRP A 611 -14.72 8.48 14.11
C TRP A 611 -14.33 8.37 12.63
N ILE A 612 -15.17 7.72 11.84
CA ILE A 612 -14.90 7.62 10.42
C ILE A 612 -14.86 8.98 9.75
N GLU A 613 -15.81 9.85 10.06
CA GLU A 613 -15.83 11.16 9.42
C GLU A 613 -14.52 11.90 9.65
N VAL A 614 -14.00 11.82 10.87
CA VAL A 614 -12.76 12.49 11.19
C VAL A 614 -11.56 11.86 10.50
N LYS A 615 -11.47 10.53 10.54
CA LYS A 615 -10.31 9.85 9.99
C LYS A 615 -10.33 9.84 8.46
N ALA A 616 -11.51 9.95 7.88
CA ALA A 616 -11.67 10.01 6.43
C ALA A 616 -11.03 11.27 5.84
N LYS A 617 -10.76 12.26 6.69
CA LYS A 617 -10.18 13.52 6.24
C LYS A 617 -8.86 13.77 6.95
N ALA A 618 -7.80 13.12 6.49
CA ALA A 618 -6.53 13.20 7.21
C ALA A 618 -5.34 12.89 6.29
N LYS A 619 -4.17 13.36 6.70
CA LYS A 619 -2.92 13.02 6.02
C LYS A 619 -2.46 11.64 6.46
N LYS A 620 -1.87 10.87 5.54
CA LYS A 620 -1.42 9.52 5.87
C LYS A 620 -0.47 9.49 7.06
N LEU A 621 0.69 10.10 6.90
CA LEU A 621 1.69 10.22 7.96
C LEU A 621 2.03 8.90 8.64
N GLN A 622 1.86 7.80 7.91
CA GLN A 622 2.11 6.44 8.43
C GLN A 622 1.24 6.12 9.65
N ILE A 623 0.34 7.04 9.99
CA ILE A 623 -0.57 6.68 11.10
C ILE A 623 -1.61 5.84 10.41
N GLN A 624 -2.58 5.36 11.18
CA GLN A 624 -3.37 4.38 10.48
C GLN A 624 -4.80 4.21 10.83
N PRO A 625 -5.75 4.65 9.99
CA PRO A 625 -7.09 4.18 9.86
C PRO A 625 -6.99 4.36 8.33
N SER A 626 -6.09 3.74 7.59
CA SER A 626 -5.80 4.03 6.16
C SER A 626 -6.82 3.84 5.06
N GLN A 627 -8.08 4.16 5.18
CA GLN A 627 -9.03 4.08 4.04
C GLN A 627 -9.22 2.62 3.68
N LEU A 628 -8.20 1.86 3.30
CA LEU A 628 -8.43 0.42 3.13
C LEU A 628 -8.82 -0.12 4.49
N GLU A 629 -8.19 0.35 5.54
CA GLU A 629 -8.57 -0.06 6.90
C GLU A 629 -9.95 0.42 7.30
N LEU A 630 -10.36 1.63 6.99
CA LEU A 630 -11.75 2.03 7.33
C LEU A 630 -12.74 1.20 6.55
N PHE A 631 -12.31 0.59 5.46
CA PHE A 631 -13.19 -0.21 4.60
C PHE A 631 -13.30 -1.62 5.13
N TYR A 632 -12.26 -2.12 5.79
CA TYR A 632 -12.35 -3.43 6.45
C TYR A 632 -13.26 -3.25 7.64
N CYS A 633 -13.30 -2.04 8.22
CA CYS A 633 -14.20 -1.80 9.33
C CYS A 633 -15.65 -1.77 8.87
N LEU A 634 -15.89 -1.08 7.76
CA LEU A 634 -17.24 -1.00 7.22
C LEU A 634 -17.73 -2.33 6.67
N TYR A 635 -16.85 -3.08 6.04
CA TYR A 635 -17.25 -4.39 5.51
C TYR A 635 -17.81 -5.27 6.60
N GLU A 636 -17.22 -5.21 7.78
CA GLU A 636 -17.62 -6.07 8.89
C GLU A 636 -19.08 -5.88 9.29
N MET A 637 -19.67 -4.74 8.95
CA MET A 637 -21.08 -4.56 9.19
C MET A 637 -21.76 -4.35 7.86
N GLN A 638 -22.73 -5.20 7.55
CA GLN A 638 -23.35 -5.17 6.24
C GLN A 638 -24.58 -4.28 6.20
N GLU A 639 -24.82 -3.55 7.28
CA GLU A 639 -25.97 -2.68 7.36
C GLU A 639 -25.78 -1.47 6.46
N GLU A 640 -26.52 -1.44 5.35
CA GLU A 640 -26.37 -0.41 4.33
C GLU A 640 -26.66 0.97 4.89
N ASP A 641 -27.60 1.05 5.82
CA ASP A 641 -27.97 2.33 6.38
C ASP A 641 -26.78 3.00 7.07
N PHE A 642 -25.87 2.19 7.60
CA PHE A 642 -24.69 2.72 8.26
C PHE A 642 -23.60 2.99 7.24
N VAL A 643 -23.35 2.01 6.38
CA VAL A 643 -22.24 2.08 5.44
C VAL A 643 -22.42 3.20 4.45
N GLN A 644 -23.63 3.34 3.91
CA GLN A 644 -23.87 4.37 2.91
C GLN A 644 -23.63 5.76 3.49
N ARG A 645 -23.94 5.95 4.76
CA ARG A 645 -23.68 7.24 5.38
C ARG A 645 -22.19 7.41 5.64
N ALA A 646 -21.55 6.34 6.08
CA ALA A 646 -20.12 6.39 6.33
C ALA A 646 -19.35 6.69 5.04
N MET A 647 -19.85 6.18 3.92
CA MET A 647 -19.17 6.39 2.66
C MET A 647 -19.37 7.78 2.08
N ASP A 648 -20.21 8.59 2.73
CA ASP A 648 -20.49 9.94 2.24
C ASP A 648 -19.38 10.89 2.67
N TYR A 649 -18.37 10.36 3.33
CA TYR A 649 -17.24 11.17 3.76
C TYR A 649 -16.00 10.92 2.90
N PHE A 650 -16.16 10.21 1.79
CA PHE A 650 -15.01 9.89 0.93
C PHE A 650 -15.18 10.37 -0.51
N PRO A 651 -15.03 11.67 -0.79
CA PRO A 651 -15.09 12.26 -2.11
C PRO A 651 -13.91 11.79 -2.96
N LYS A 652 -12.85 11.37 -2.29
CA LYS A 652 -11.65 10.89 -2.95
C LYS A 652 -11.15 9.64 -2.27
N ILE A 653 -10.97 8.58 -3.04
CA ILE A 653 -10.52 7.31 -2.50
C ILE A 653 -9.20 6.87 -3.11
N GLU A 654 -8.19 6.70 -2.28
CA GLU A 654 -6.90 6.21 -2.76
C GLU A 654 -6.49 4.97 -1.98
N ILE A 655 -6.49 3.83 -2.66
CA ILE A 655 -6.19 2.56 -2.01
C ILE A 655 -5.22 1.69 -2.79
N ASN A 656 -4.55 0.78 -2.08
CA ASN A 656 -3.63 -0.17 -2.69
C ASN A 656 -4.03 -1.59 -2.33
N LEU A 657 -4.40 -2.36 -3.35
CA LEU A 657 -4.91 -3.71 -3.13
C LEU A 657 -3.82 -4.74 -3.42
N SER A 658 -3.60 -5.66 -2.47
CA SER A 658 -2.59 -6.69 -2.67
C SER A 658 -3.18 -8.09 -2.72
N THR A 659 -4.35 -8.26 -2.13
CA THR A 659 -4.97 -9.58 -2.13
C THR A 659 -6.43 -9.56 -2.52
N ARG A 660 -7.01 -10.75 -2.61
CA ARG A 660 -8.39 -10.89 -3.03
C ARG A 660 -9.35 -10.29 -2.02
N MET A 661 -9.00 -10.43 -0.74
CA MET A 661 -9.84 -9.90 0.33
C MET A 661 -9.90 -8.38 0.27
N ASP A 662 -8.80 -7.75 -0.15
CA ASP A 662 -8.75 -6.30 -0.27
C ASP A 662 -9.75 -5.85 -1.33
N HIS A 663 -9.85 -6.63 -2.40
CA HIS A 663 -10.76 -6.32 -3.49
C HIS A 663 -12.20 -6.51 -3.05
N MET A 664 -12.46 -7.59 -2.33
CA MET A 664 -13.81 -7.88 -1.85
C MET A 664 -14.34 -6.75 -0.98
N VAL A 665 -13.48 -6.29 -0.10
CA VAL A 665 -13.80 -5.21 0.82
C VAL A 665 -13.97 -3.88 0.09
N SER A 666 -13.06 -3.60 -0.84
CA SER A 666 -13.11 -2.36 -1.59
C SER A 666 -14.35 -2.27 -2.46
N SER A 667 -14.73 -3.39 -3.08
CA SER A 667 -15.90 -3.40 -3.94
C SER A 667 -17.15 -3.11 -3.13
N PHE A 668 -17.27 -3.75 -1.97
CA PHE A 668 -18.42 -3.54 -1.11
C PHE A 668 -18.60 -2.08 -0.75
N CYS A 669 -17.52 -1.44 -0.32
CA CYS A 669 -17.61 -0.06 0.09
C CYS A 669 -17.89 0.87 -1.08
N ILE A 670 -17.21 0.66 -2.20
CA ILE A 670 -17.41 1.51 -3.37
C ILE A 670 -18.82 1.40 -3.92
N GLU A 671 -19.37 0.19 -3.93
CA GLU A 671 -20.74 -0.02 -4.41
C GLU A 671 -21.75 0.83 -3.65
N ASN A 672 -21.44 1.17 -2.40
CA ASN A 672 -22.34 1.92 -1.56
C ASN A 672 -21.93 3.38 -1.41
N CYS A 673 -20.97 3.82 -2.21
CA CYS A 673 -20.50 5.19 -2.12
C CYS A 673 -21.06 6.05 -3.24
N HIS A 674 -21.83 7.07 -2.87
CA HIS A 674 -22.47 7.92 -3.85
C HIS A 674 -21.84 9.31 -3.89
N ARG A 675 -20.71 9.48 -3.22
CA ARG A 675 -20.04 10.77 -3.19
C ARG A 675 -18.73 10.77 -3.94
N VAL A 676 -18.09 9.61 -4.08
CA VAL A 676 -16.75 9.60 -4.63
C VAL A 676 -16.71 10.20 -6.02
N GLU A 677 -15.82 11.15 -6.21
CA GLU A 677 -15.63 11.80 -7.49
C GLU A 677 -14.35 11.32 -8.13
N SER A 678 -13.36 11.03 -7.30
CA SER A 678 -12.06 10.59 -7.78
C SER A 678 -11.58 9.33 -7.08
N LEU A 679 -11.17 8.36 -7.87
CA LEU A 679 -10.70 7.09 -7.35
C LEU A 679 -9.33 6.73 -7.92
N SER A 680 -8.42 6.36 -7.04
CA SER A 680 -7.10 5.92 -7.42
C SER A 680 -6.86 4.51 -6.92
N LEU A 681 -6.62 3.58 -7.84
CA LEU A 681 -6.43 2.19 -7.47
C LEU A 681 -5.04 1.69 -7.78
N GLY A 682 -4.30 1.37 -6.74
CA GLY A 682 -2.99 0.78 -6.91
C GLY A 682 -3.13 -0.73 -6.85
N PHE A 683 -2.22 -1.44 -7.48
CA PHE A 683 -2.23 -2.89 -7.42
C PHE A 683 -0.84 -3.42 -7.14
N LEU A 684 -0.75 -4.24 -6.10
CA LEU A 684 0.51 -4.80 -5.68
C LEU A 684 0.58 -6.26 -6.07
N HIS A 685 1.77 -6.86 -6.01
CA HIS A 685 1.92 -8.24 -6.42
C HIS A 685 0.94 -9.12 -5.65
N ASN A 686 0.18 -9.95 -6.38
CA ASN A 686 -0.84 -10.83 -5.82
C ASN A 686 -0.22 -12.01 -5.06
N LEU A 725 -1.06 -6.41 -11.54
CA LEU A 725 -2.15 -7.23 -12.05
C LEU A 725 -1.65 -8.30 -13.04
N THR A 726 -1.37 -7.89 -14.30
CA THR A 726 -1.01 -8.75 -15.43
C THR A 726 -2.17 -9.66 -15.87
N SER A 727 -3.26 -9.64 -15.11
CA SER A 727 -4.42 -10.48 -15.34
C SER A 727 -5.72 -9.71 -15.13
N SER A 728 -6.78 -10.43 -14.78
CA SER A 728 -8.13 -9.87 -14.65
C SER A 728 -8.61 -9.90 -13.19
N PHE A 729 -7.68 -9.85 -12.25
CA PHE A 729 -8.02 -9.93 -10.82
C PHE A 729 -9.03 -8.86 -10.43
N CYS A 730 -8.89 -7.68 -11.02
CA CYS A 730 -9.68 -6.51 -10.70
C CYS A 730 -10.99 -6.44 -11.47
N ARG A 731 -11.30 -7.45 -12.28
CA ARG A 731 -12.52 -7.42 -13.06
C ARG A 731 -13.76 -7.19 -12.21
N GLY A 732 -13.77 -7.78 -11.00
CA GLY A 732 -14.92 -7.66 -10.11
C GLY A 732 -15.03 -6.29 -9.47
N LEU A 733 -13.99 -5.47 -9.63
CA LEU A 733 -14.02 -4.11 -9.11
C LEU A 733 -14.35 -3.14 -10.22
N PHE A 734 -13.81 -3.38 -11.41
CA PHE A 734 -14.07 -2.49 -12.54
C PHE A 734 -15.55 -2.54 -12.90
N SER A 735 -16.17 -3.69 -12.69
CA SER A 735 -17.60 -3.85 -12.94
C SER A 735 -18.44 -3.02 -11.97
N VAL A 736 -17.81 -2.58 -10.87
CA VAL A 736 -18.46 -1.74 -9.89
C VAL A 736 -18.32 -0.28 -10.27
N LEU A 737 -17.15 0.07 -10.75
CA LEU A 737 -16.86 1.44 -11.09
C LEU A 737 -17.77 1.91 -12.20
N SER A 738 -18.11 1.01 -13.12
CA SER A 738 -18.95 1.33 -14.26
C SER A 738 -20.38 1.66 -13.89
N THR A 739 -20.79 1.33 -12.67
CA THR A 739 -22.16 1.60 -12.25
C THR A 739 -22.23 2.79 -11.31
N SER A 740 -21.07 3.39 -11.02
CA SER A 740 -21.02 4.55 -10.15
C SER A 740 -21.54 5.75 -10.91
N GLN A 741 -22.33 6.58 -10.25
CA GLN A 741 -22.87 7.74 -10.94
C GLN A 741 -22.08 8.99 -10.66
N SER A 742 -21.41 9.01 -9.51
CA SER A 742 -20.66 10.19 -9.08
C SER A 742 -19.20 10.18 -9.52
N LEU A 743 -18.64 9.01 -9.76
CA LEU A 743 -17.23 8.92 -10.10
C LEU A 743 -16.94 9.53 -11.46
N THR A 744 -15.99 10.47 -11.51
CA THR A 744 -15.62 11.08 -12.78
C THR A 744 -14.16 10.87 -13.13
N GLU A 745 -13.31 10.73 -12.12
CA GLU A 745 -11.88 10.58 -12.39
C GLU A 745 -11.33 9.25 -11.89
N LEU A 746 -10.75 8.49 -12.80
CA LEU A 746 -10.17 7.20 -12.45
C LEU A 746 -8.68 7.15 -12.75
N ASP A 747 -7.88 6.93 -11.70
CA ASP A 747 -6.44 6.88 -11.83
C ASP A 747 -5.90 5.47 -11.64
N LEU A 748 -5.41 4.90 -12.73
CA LEU A 748 -4.88 3.54 -12.71
C LEU A 748 -3.42 3.53 -13.14
N SER A 749 -2.73 4.62 -12.85
CA SER A 749 -1.32 4.74 -13.22
C SER A 749 -0.40 3.90 -12.34
N ASP A 750 0.81 3.69 -12.82
CA ASP A 750 1.89 3.05 -12.09
C ASP A 750 1.53 1.69 -11.49
N ASN A 751 0.84 0.86 -12.26
CA ASN A 751 0.56 -0.50 -11.87
C ASN A 751 0.45 -1.34 -13.14
N SER A 752 0.65 -2.65 -13.04
CA SER A 752 0.73 -3.49 -14.23
C SER A 752 -0.61 -3.81 -14.86
N LEU A 753 -1.30 -2.77 -15.31
CA LEU A 753 -2.55 -2.93 -16.04
C LEU A 753 -2.22 -3.10 -17.50
N GLY A 754 -1.59 -4.22 -17.82
CA GLY A 754 -1.09 -4.44 -19.16
C GLY A 754 -2.24 -4.75 -20.10
N ASP A 755 -1.91 -5.02 -21.36
CA ASP A 755 -2.92 -5.20 -22.40
C ASP A 755 -4.21 -5.92 -21.95
N PRO A 756 -4.18 -7.15 -21.39
CA PRO A 756 -5.36 -7.89 -20.97
C PRO A 756 -6.16 -7.16 -19.89
N GLY A 757 -5.49 -6.29 -19.13
CA GLY A 757 -6.13 -5.52 -18.08
C GLY A 757 -6.90 -4.37 -18.70
N MET A 758 -6.36 -3.84 -19.79
CA MET A 758 -6.98 -2.74 -20.48
C MET A 758 -8.22 -3.22 -21.21
N ARG A 759 -8.18 -4.46 -21.67
CA ARG A 759 -9.32 -5.02 -22.36
C ARG A 759 -10.51 -5.09 -21.41
N VAL A 760 -10.24 -5.52 -20.17
CA VAL A 760 -11.28 -5.59 -19.15
C VAL A 760 -11.82 -4.22 -18.81
N LEU A 761 -10.91 -3.26 -18.62
CA LEU A 761 -11.32 -1.91 -18.29
C LEU A 761 -12.15 -1.30 -19.41
N CYS A 762 -11.71 -1.49 -20.65
CA CYS A 762 -12.41 -0.93 -21.79
C CYS A 762 -13.79 -1.54 -21.93
N GLU A 763 -13.94 -2.79 -21.56
CA GLU A 763 -15.24 -3.43 -21.57
C GLU A 763 -16.20 -2.66 -20.67
N THR A 764 -15.70 -2.21 -19.52
CA THR A 764 -16.52 -1.50 -18.55
C THR A 764 -16.70 -0.03 -18.89
N LEU A 765 -15.74 0.56 -19.61
CA LEU A 765 -15.81 1.98 -19.98
C LEU A 765 -16.84 2.20 -21.09
N GLN A 766 -17.32 1.11 -21.67
CA GLN A 766 -18.32 1.18 -22.73
C GLN A 766 -19.73 1.07 -22.18
N HIS A 767 -19.85 0.94 -20.86
CA HIS A 767 -21.14 0.88 -20.20
C HIS A 767 -21.81 2.25 -20.30
N PRO A 768 -23.10 2.32 -20.66
CA PRO A 768 -23.85 3.55 -20.88
C PRO A 768 -23.91 4.47 -19.68
N GLY A 769 -23.72 3.94 -18.47
CA GLY A 769 -23.80 4.74 -17.27
C GLY A 769 -22.43 5.01 -16.63
N CYS A 770 -21.35 4.75 -17.37
CA CYS A 770 -20.01 4.85 -16.82
C CYS A 770 -19.71 6.18 -16.14
N ASN A 771 -19.91 7.28 -16.88
CA ASN A 771 -19.70 8.65 -16.37
C ASN A 771 -18.26 9.01 -15.99
N ILE A 772 -17.30 8.20 -16.40
CA ILE A 772 -15.90 8.57 -16.17
C ILE A 772 -15.47 9.58 -17.22
N ARG A 773 -14.93 10.70 -16.77
CA ARG A 773 -14.57 11.81 -17.65
C ARG A 773 -13.05 11.94 -17.79
N ARG A 774 -12.32 11.55 -16.76
CA ARG A 774 -10.87 11.66 -16.80
C ARG A 774 -10.22 10.33 -16.46
N LEU A 775 -9.37 9.84 -17.35
CA LEU A 775 -8.74 8.55 -17.16
C LEU A 775 -7.22 8.65 -17.26
N TRP A 776 -6.54 8.32 -16.16
CA TRP A 776 -5.09 8.44 -16.10
C TRP A 776 -4.43 7.08 -16.18
N LEU A 777 -3.67 6.84 -17.24
CA LEU A 777 -3.03 5.56 -17.48
C LEU A 777 -1.55 5.70 -17.79
N GLY A 778 -0.76 6.13 -16.81
CA GLY A 778 0.66 6.40 -17.02
C GLY A 778 1.45 5.12 -17.19
N ARG A 779 2.38 4.84 -16.28
CA ARG A 779 3.23 3.66 -16.44
C ARG A 779 2.45 2.38 -16.17
N CYS A 780 1.55 2.04 -17.09
CA CYS A 780 0.68 0.90 -16.94
C CYS A 780 1.18 -0.35 -17.66
N GLY A 781 2.27 -0.22 -18.39
CA GLY A 781 2.81 -1.35 -19.12
C GLY A 781 1.97 -1.71 -20.34
N LEU A 782 1.35 -0.70 -20.94
CA LEU A 782 0.50 -0.93 -22.10
C LEU A 782 1.33 -0.94 -23.38
N SER A 783 0.88 -1.70 -24.36
CA SER A 783 1.51 -1.68 -25.67
C SER A 783 0.51 -1.34 -26.75
N HIS A 784 0.94 -1.46 -28.00
CA HIS A 784 0.11 -1.03 -29.12
C HIS A 784 -1.23 -1.75 -29.20
N GLU A 785 -1.30 -2.99 -28.73
CA GLU A 785 -2.56 -3.72 -28.83
C GLU A 785 -3.66 -3.10 -27.99
N CYS A 786 -3.28 -2.43 -26.90
CA CYS A 786 -4.30 -1.86 -26.03
C CYS A 786 -5.01 -0.70 -26.71
N CYS A 787 -4.38 -0.12 -27.72
CA CYS A 787 -4.96 1.03 -28.40
C CYS A 787 -6.16 0.64 -29.21
N PHE A 788 -6.26 -0.65 -29.53
CA PHE A 788 -7.41 -1.12 -30.26
C PHE A 788 -8.65 -0.96 -29.40
N ASP A 789 -8.51 -1.32 -28.13
CA ASP A 789 -9.63 -1.27 -27.20
C ASP A 789 -9.91 0.16 -26.75
N ILE A 790 -8.85 0.96 -26.63
CA ILE A 790 -9.03 2.36 -26.27
C ILE A 790 -9.80 3.09 -27.36
N SER A 791 -9.47 2.78 -28.61
CA SER A 791 -10.18 3.37 -29.74
C SER A 791 -11.67 3.05 -29.69
N LEU A 792 -12.00 1.80 -29.38
CA LEU A 792 -13.39 1.40 -29.29
C LEU A 792 -14.12 2.20 -28.22
N VAL A 793 -13.43 2.48 -27.12
CA VAL A 793 -14.03 3.29 -26.06
C VAL A 793 -14.27 4.71 -26.55
N LEU A 794 -13.28 5.29 -27.22
CA LEU A 794 -13.40 6.67 -27.71
C LEU A 794 -14.55 6.83 -28.70
N SER A 795 -14.78 5.80 -29.50
CA SER A 795 -15.83 5.83 -30.51
C SER A 795 -17.24 5.62 -29.94
N SER A 796 -17.35 5.31 -28.65
CA SER A 796 -18.65 5.04 -28.04
C SER A 796 -18.93 5.94 -26.85
N ASN A 797 -17.96 6.06 -25.95
CA ASN A 797 -18.11 6.82 -24.73
C ASN A 797 -17.94 8.31 -25.01
N GLN A 798 -19.05 9.04 -24.94
CA GLN A 798 -19.07 10.44 -25.29
C GLN A 798 -18.79 11.36 -24.10
N LYS A 799 -18.50 10.76 -22.94
CA LYS A 799 -18.23 11.55 -21.75
C LYS A 799 -16.75 11.69 -21.46
N LEU A 800 -15.95 10.74 -21.92
CA LEU A 800 -14.52 10.79 -21.65
C LEU A 800 -13.92 12.05 -22.27
N VAL A 801 -13.24 12.86 -21.46
CA VAL A 801 -12.64 14.12 -21.89
C VAL A 801 -11.12 14.11 -21.84
N GLU A 802 -10.54 13.55 -20.78
CA GLU A 802 -9.09 13.59 -20.62
C GLU A 802 -8.51 12.19 -20.59
N LEU A 803 -7.51 11.95 -21.42
CA LEU A 803 -6.87 10.64 -21.47
C LEU A 803 -5.35 10.75 -21.43
N ASP A 804 -4.74 10.18 -20.40
CA ASP A 804 -3.29 10.22 -20.26
C ASP A 804 -2.65 8.86 -20.48
N LEU A 805 -1.93 8.72 -21.59
CA LEU A 805 -1.30 7.46 -21.95
C LEU A 805 0.21 7.56 -21.90
N SER A 806 0.72 8.48 -21.10
CA SER A 806 2.15 8.71 -21.01
C SER A 806 2.90 7.50 -20.48
N ASP A 807 4.17 7.41 -20.85
CA ASP A 807 5.07 6.38 -20.34
C ASP A 807 4.62 4.95 -20.61
N ASN A 808 4.12 4.71 -21.81
CA ASN A 808 3.76 3.37 -22.25
C ASN A 808 4.54 3.05 -23.51
N ALA A 809 4.33 1.86 -24.07
CA ALA A 809 5.04 1.45 -25.27
C ALA A 809 4.14 1.56 -26.48
N LEU A 810 3.34 2.60 -26.52
CA LEU A 810 2.38 2.77 -27.59
C LEU A 810 3.08 3.39 -28.78
N GLY A 811 3.80 2.57 -29.53
CA GLY A 811 4.64 3.09 -30.59
C GLY A 811 3.82 3.58 -31.77
N ASP A 812 4.49 3.87 -32.88
CA ASP A 812 3.84 4.46 -34.03
C ASP A 812 2.60 3.69 -34.47
N PHE A 813 2.65 2.38 -34.36
CA PHE A 813 1.51 1.57 -34.74
C PHE A 813 0.34 1.78 -33.79
N GLY A 814 0.64 1.85 -32.50
CA GLY A 814 -0.41 2.05 -31.50
C GLY A 814 -1.14 3.35 -31.75
N ILE A 815 -0.40 4.39 -32.12
CA ILE A 815 -1.02 5.68 -32.40
C ILE A 815 -1.89 5.59 -33.63
N ARG A 816 -1.40 4.90 -34.66
CA ARG A 816 -2.20 4.73 -35.86
C ARG A 816 -3.56 4.12 -35.52
N LEU A 817 -3.57 3.15 -34.61
CA LEU A 817 -4.82 2.54 -34.15
C LEU A 817 -5.63 3.50 -33.30
N LEU A 818 -4.96 4.21 -32.41
CA LEU A 818 -5.64 5.13 -31.51
C LEU A 818 -6.36 6.21 -32.28
N CYS A 819 -5.73 6.68 -33.34
CA CYS A 819 -6.25 7.77 -34.15
C CYS A 819 -7.54 7.41 -34.86
N VAL A 820 -7.84 6.12 -34.93
CA VAL A 820 -9.08 5.71 -35.55
C VAL A 820 -10.24 6.21 -34.71
N GLY A 821 -10.09 6.15 -33.40
CA GLY A 821 -11.13 6.61 -32.49
C GLY A 821 -11.12 8.12 -32.41
N LEU A 822 -9.93 8.71 -32.40
CA LEU A 822 -9.81 10.15 -32.25
C LEU A 822 -10.47 10.89 -33.41
N LYS A 823 -10.42 10.30 -34.60
CA LYS A 823 -11.03 10.90 -35.78
C LYS A 823 -12.52 10.58 -35.91
N HIS A 824 -13.04 9.77 -34.99
CA HIS A 824 -14.43 9.32 -35.07
C HIS A 824 -15.40 10.39 -34.61
N LEU A 825 -16.51 10.49 -35.32
CA LEU A 825 -17.54 11.43 -34.95
C LEU A 825 -18.06 11.06 -33.57
N LEU A 826 -18.33 12.08 -32.76
CA LEU A 826 -18.82 11.95 -31.39
C LEU A 826 -17.70 11.60 -30.42
N CYS A 827 -16.46 11.62 -30.87
CA CYS A 827 -15.35 11.48 -29.93
C CYS A 827 -15.05 12.86 -29.36
N ASN A 828 -15.28 13.01 -28.06
CA ASN A 828 -15.22 14.34 -27.45
C ASN A 828 -13.96 14.56 -26.62
N LEU A 829 -12.94 13.74 -26.84
CA LEU A 829 -11.72 13.87 -26.07
C LEU A 829 -11.12 15.25 -26.27
N LYS A 830 -10.74 15.91 -25.18
CA LYS A 830 -10.16 17.25 -25.26
C LYS A 830 -8.67 17.30 -24.95
N LYS A 831 -8.23 16.44 -24.03
CA LYS A 831 -6.83 16.47 -23.63
C LYS A 831 -6.19 15.11 -23.78
N LEU A 832 -5.07 15.06 -24.51
CA LEU A 832 -4.39 13.79 -24.72
C LEU A 832 -2.89 13.87 -24.46
N TRP A 833 -2.41 13.02 -23.56
CA TRP A 833 -0.98 12.96 -23.25
C TRP A 833 -0.35 11.71 -23.85
N LEU A 834 0.62 11.91 -24.73
CA LEU A 834 1.34 10.81 -25.36
C LEU A 834 2.83 10.94 -25.10
N VAL A 835 3.16 11.45 -23.93
CA VAL A 835 4.54 11.69 -23.53
C VAL A 835 5.29 10.40 -23.30
N SER A 836 6.53 10.35 -23.79
CA SER A 836 7.37 9.17 -23.64
C SER A 836 6.69 7.89 -24.11
N CYS A 837 6.15 7.90 -25.32
CA CYS A 837 5.44 6.73 -25.85
C CYS A 837 6.16 6.10 -27.02
N CYS A 838 7.47 6.26 -27.09
CA CYS A 838 8.26 5.65 -28.15
C CYS A 838 7.76 6.04 -29.52
N LEU A 839 7.38 7.30 -29.68
CA LEU A 839 6.88 7.76 -30.97
C LEU A 839 7.95 8.42 -31.79
N THR A 840 7.81 8.35 -33.10
CA THR A 840 8.67 9.15 -33.96
C THR A 840 7.90 9.79 -35.09
N SER A 841 8.62 10.37 -36.04
CA SER A 841 8.02 11.19 -37.09
C SER A 841 7.02 10.42 -37.93
N ALA A 842 7.14 9.11 -37.96
CA ALA A 842 6.28 8.28 -38.76
C ALA A 842 4.82 8.40 -38.35
N CYS A 843 4.57 8.67 -37.07
CA CYS A 843 3.20 8.72 -36.56
C CYS A 843 2.60 10.11 -36.66
N CYS A 844 3.41 11.09 -37.03
CA CYS A 844 2.95 12.46 -37.02
C CYS A 844 1.92 12.70 -38.09
N GLN A 845 1.89 11.83 -39.10
CA GLN A 845 0.92 11.95 -40.15
C GLN A 845 -0.48 11.69 -39.61
N ASP A 846 -0.60 10.78 -38.64
CA ASP A 846 -1.91 10.44 -38.12
C ASP A 846 -2.34 11.44 -37.07
N LEU A 847 -1.38 11.93 -36.29
CA LEU A 847 -1.69 12.94 -35.30
C LEU A 847 -2.13 14.22 -36.01
N ALA A 848 -1.48 14.52 -37.13
CA ALA A 848 -1.81 15.71 -37.90
C ALA A 848 -3.23 15.62 -38.43
N SER A 849 -3.64 14.43 -38.86
CA SER A 849 -4.98 14.23 -39.36
C SER A 849 -6.01 14.47 -38.26
N VAL A 850 -5.68 14.04 -37.04
CA VAL A 850 -6.57 14.27 -35.92
C VAL A 850 -6.71 15.74 -35.64
N LEU A 851 -5.60 16.48 -35.64
CA LEU A 851 -5.66 17.90 -35.38
C LEU A 851 -6.48 18.61 -36.46
N SER A 852 -6.34 18.15 -37.69
CA SER A 852 -7.06 18.75 -38.81
C SER A 852 -8.57 18.68 -38.67
N THR A 853 -9.10 17.53 -38.27
CA THR A 853 -10.54 17.36 -38.24
C THR A 853 -11.20 17.33 -36.85
N SER A 854 -10.43 17.08 -35.80
CA SER A 854 -11.05 16.94 -34.48
C SER A 854 -11.71 18.23 -34.02
N HIS A 855 -12.96 18.11 -33.59
CA HIS A 855 -13.74 19.24 -33.13
C HIS A 855 -13.51 19.53 -31.66
N SER A 856 -12.84 18.60 -30.98
CA SER A 856 -12.73 18.70 -29.53
C SER A 856 -11.30 18.69 -28.99
N LEU A 857 -10.33 18.21 -29.75
CA LEU A 857 -8.99 18.08 -29.18
C LEU A 857 -8.29 19.42 -29.13
N THR A 858 -7.98 19.88 -27.92
CA THR A 858 -7.36 21.18 -27.75
C THR A 858 -5.99 21.09 -27.08
N ARG A 859 -5.76 20.03 -26.32
CA ARG A 859 -4.49 19.87 -25.62
C ARG A 859 -3.76 18.62 -26.09
N LEU A 860 -2.58 18.81 -26.66
CA LEU A 860 -1.80 17.67 -27.14
C LEU A 860 -0.37 17.70 -26.64
N TYR A 861 0.00 16.71 -25.83
CA TYR A 861 1.34 16.65 -25.28
C TYR A 861 2.09 15.46 -25.84
N VAL A 862 3.16 15.71 -26.59
CA VAL A 862 3.88 14.64 -27.26
C VAL A 862 5.37 14.68 -27.01
N GLY A 863 5.79 15.35 -25.95
CA GLY A 863 7.21 15.49 -25.67
C GLY A 863 7.81 14.18 -25.20
N GLU A 864 9.14 14.17 -25.06
CA GLU A 864 9.90 12.99 -24.64
C GLU A 864 9.79 11.87 -25.66
N ASN A 865 9.51 12.21 -26.90
CA ASN A 865 9.46 11.27 -27.99
C ASN A 865 10.48 11.64 -29.06
N ALA A 866 10.57 10.86 -30.11
CA ALA A 866 11.51 11.13 -31.19
C ALA A 866 10.82 11.83 -32.34
N LEU A 867 10.13 12.91 -32.03
CA LEU A 867 9.45 13.71 -33.05
C LEU A 867 10.37 14.83 -33.47
N GLY A 868 11.29 14.52 -34.37
CA GLY A 868 12.31 15.49 -34.75
C GLY A 868 11.71 16.54 -35.67
N ASP A 869 12.56 17.36 -36.25
CA ASP A 869 12.11 18.47 -37.05
C ASP A 869 11.12 18.07 -38.13
N SER A 870 11.33 16.90 -38.71
CA SER A 870 10.43 16.43 -39.76
C SER A 870 9.05 16.08 -39.21
N GLY A 871 9.00 15.63 -37.97
CA GLY A 871 7.72 15.27 -37.34
C GLY A 871 6.93 16.52 -37.04
N VAL A 872 7.64 17.52 -36.54
CA VAL A 872 7.01 18.78 -36.18
C VAL A 872 6.46 19.47 -37.41
N ALA A 873 7.23 19.43 -38.49
CA ALA A 873 6.78 20.06 -39.74
C ALA A 873 5.49 19.42 -40.21
N ILE A 874 5.31 18.13 -40.02
CA ILE A 874 4.10 17.44 -40.41
C ILE A 874 2.93 17.95 -39.58
N LEU A 875 3.14 18.02 -38.27
CA LEU A 875 2.07 18.49 -37.39
C LEU A 875 1.74 19.93 -37.67
N CYS A 876 2.75 20.74 -37.97
CA CYS A 876 2.56 22.16 -38.22
C CYS A 876 1.78 22.41 -39.51
N GLU A 877 1.96 21.53 -40.50
CA GLU A 877 1.27 21.69 -41.76
C GLU A 877 -0.23 21.76 -41.57
N LYS A 878 -0.75 21.03 -40.58
CA LYS A 878 -2.18 21.07 -40.32
C LYS A 878 -2.50 22.00 -39.15
N ALA A 879 -1.60 22.10 -38.18
CA ALA A 879 -1.83 22.93 -37.01
C ALA A 879 -1.97 24.40 -37.39
N LYS A 880 -1.30 24.80 -38.47
CA LYS A 880 -1.36 26.19 -38.93
C LYS A 880 -2.72 26.57 -39.48
N ASN A 881 -3.56 25.57 -39.76
CA ASN A 881 -4.87 25.86 -40.30
C ASN A 881 -5.68 26.66 -39.28
N PRO A 882 -6.24 27.82 -39.67
CA PRO A 882 -6.93 28.76 -38.81
C PRO A 882 -8.17 28.15 -38.15
N GLN A 883 -8.64 27.01 -38.66
CA GLN A 883 -9.81 26.34 -38.10
C GLN A 883 -9.43 25.27 -37.09
N CYS A 884 -8.13 25.08 -36.87
CA CYS A 884 -7.66 24.08 -35.92
C CYS A 884 -7.97 24.51 -34.49
N ASN A 885 -8.39 23.56 -33.66
CA ASN A 885 -8.80 23.85 -32.29
C ASN A 885 -7.67 23.69 -31.28
N LEU A 886 -6.47 23.43 -31.74
CA LEU A 886 -5.35 23.22 -30.84
C LEU A 886 -5.05 24.47 -30.02
N GLN A 887 -5.00 24.31 -28.69
CA GLN A 887 -4.74 25.41 -27.79
C GLN A 887 -3.40 25.28 -27.07
N LYS A 888 -3.03 24.06 -26.70
CA LYS A 888 -1.77 23.86 -26.01
C LYS A 888 -0.97 22.78 -26.70
N LEU A 889 0.28 23.08 -27.02
CA LEU A 889 1.12 22.12 -27.72
C LEU A 889 2.39 21.78 -26.95
N GLY A 890 2.50 20.53 -26.54
CA GLY A 890 3.61 20.04 -25.73
C GLY A 890 4.73 19.38 -26.52
N LEU A 891 5.37 20.13 -27.40
CA LEU A 891 6.54 19.63 -28.13
C LEU A 891 7.78 19.85 -27.30
N VAL A 892 7.91 19.13 -26.20
CA VAL A 892 8.95 19.42 -25.23
C VAL A 892 10.28 18.76 -25.59
N ASN A 893 10.60 17.64 -24.94
CA ASN A 893 11.90 17.03 -25.21
C ASN A 893 11.86 16.16 -26.43
N SER A 894 11.66 16.79 -27.59
CA SER A 894 11.48 16.06 -28.83
C SER A 894 12.63 16.19 -29.80
N GLY A 895 13.71 16.83 -29.39
CA GLY A 895 14.90 16.94 -30.23
C GLY A 895 14.73 17.93 -31.37
N LEU A 896 14.00 19.01 -31.13
CA LEU A 896 13.78 20.02 -32.17
C LEU A 896 15.00 20.90 -32.30
N THR A 897 15.25 21.37 -33.52
CA THR A 897 16.28 22.35 -33.74
C THR A 897 15.70 23.57 -34.44
N SER A 898 16.55 24.54 -34.74
CA SER A 898 16.12 25.78 -35.37
C SER A 898 15.47 25.53 -36.72
N VAL A 899 15.73 24.37 -37.30
CA VAL A 899 15.19 24.03 -38.61
C VAL A 899 13.67 24.04 -38.61
N CYS A 900 13.06 23.58 -37.51
CA CYS A 900 11.62 23.48 -37.43
C CYS A 900 10.95 24.75 -36.93
N CYS A 901 11.74 25.75 -36.55
CA CYS A 901 11.15 26.93 -35.95
C CYS A 901 10.38 27.75 -36.96
N SER A 902 10.72 27.61 -38.24
CA SER A 902 9.98 28.31 -39.27
C SER A 902 8.57 27.71 -39.39
N ALA A 903 8.46 26.42 -39.09
CA ALA A 903 7.17 25.75 -39.13
C ALA A 903 6.33 26.19 -37.94
N LEU A 904 6.97 26.30 -36.78
CA LEU A 904 6.28 26.73 -35.58
C LEU A 904 5.84 28.18 -35.73
N SER A 905 6.69 28.98 -36.38
CA SER A 905 6.39 30.37 -36.63
C SER A 905 5.13 30.51 -37.47
N SER A 906 5.04 29.71 -38.53
CA SER A 906 3.87 29.73 -39.40
C SER A 906 2.61 29.45 -38.59
N VAL A 907 2.69 28.47 -37.69
CA VAL A 907 1.53 28.13 -36.88
C VAL A 907 1.14 29.29 -35.98
N LEU A 908 2.13 29.90 -35.34
CA LEU A 908 1.87 31.01 -34.43
C LEU A 908 1.21 32.18 -35.16
N SER A 909 1.66 32.45 -36.37
CA SER A 909 1.13 33.55 -37.16
C SER A 909 -0.32 33.35 -37.61
N THR A 910 -0.69 32.11 -37.90
CA THR A 910 -2.02 31.85 -38.45
C THR A 910 -3.04 31.30 -37.46
N ASN A 911 -2.61 30.40 -36.59
CA ASN A 911 -3.54 29.74 -35.67
C ASN A 911 -3.75 30.58 -34.42
N GLN A 912 -4.89 31.26 -34.35
CA GLN A 912 -5.16 32.19 -33.27
C GLN A 912 -5.67 31.50 -32.03
N ASN A 913 -5.82 30.19 -32.10
CA ASN A 913 -6.32 29.44 -30.97
C ASN A 913 -5.19 28.88 -30.12
N LEU A 914 -3.96 29.04 -30.57
CA LEU A 914 -2.84 28.46 -29.83
C LEU A 914 -2.38 29.44 -28.77
N THR A 915 -2.50 29.02 -27.51
CA THR A 915 -2.19 29.93 -26.41
C THR A 915 -0.99 29.48 -25.58
N HIS A 916 -0.66 28.20 -25.62
CA HIS A 916 0.46 27.69 -24.84
C HIS A 916 1.38 26.82 -25.66
N LEU A 917 2.67 27.14 -25.65
CA LEU A 917 3.64 26.36 -26.38
C LEU A 917 4.83 25.99 -25.48
N TYR A 918 5.08 24.70 -25.34
CA TYR A 918 6.13 24.24 -24.44
C TYR A 918 7.26 23.58 -25.22
N LEU A 919 8.40 24.27 -25.33
CA LEU A 919 9.51 23.77 -26.13
C LEU A 919 10.74 23.39 -25.32
N ARG A 920 10.62 23.33 -24.00
CA ARG A 920 11.81 23.12 -23.20
C ARG A 920 12.47 21.78 -23.46
N GLY A 921 13.78 21.74 -23.35
CA GLY A 921 14.54 20.50 -23.53
C GLY A 921 15.06 20.34 -24.96
N ASN A 922 14.60 21.20 -25.85
CA ASN A 922 15.03 21.17 -27.24
C ASN A 922 16.36 21.89 -27.38
N THR A 923 16.89 21.93 -28.59
CA THR A 923 18.14 22.65 -28.83
C THR A 923 17.94 23.58 -29.99
N LEU A 924 17.29 24.71 -29.70
CA LEU A 924 16.86 25.61 -30.76
C LEU A 924 17.95 26.62 -31.02
N GLY A 925 18.65 27.00 -29.98
CA GLY A 925 19.73 27.96 -30.09
C GLY A 925 19.18 29.34 -30.37
N ASP A 926 20.08 30.25 -30.70
CA ASP A 926 19.69 31.64 -30.91
C ASP A 926 19.00 31.80 -32.24
N LYS A 927 19.38 30.99 -33.21
CA LYS A 927 18.77 31.06 -34.53
C LYS A 927 17.29 30.68 -34.42
N GLY A 928 17.00 29.66 -33.61
CA GLY A 928 15.63 29.23 -33.43
C GLY A 928 14.78 30.34 -32.83
N ILE A 929 15.33 31.08 -31.88
CA ILE A 929 14.60 32.17 -31.27
C ILE A 929 14.27 33.23 -32.29
N LYS A 930 15.23 33.56 -33.15
CA LYS A 930 14.96 34.57 -34.17
C LYS A 930 13.82 34.14 -35.08
N LEU A 931 13.83 32.87 -35.47
CA LEU A 931 12.78 32.36 -36.34
C LEU A 931 11.43 32.34 -35.65
N LEU A 932 11.39 31.97 -34.38
CA LEU A 932 10.13 31.98 -33.66
C LEU A 932 9.59 33.38 -33.52
N CYS A 933 10.50 34.34 -33.31
CA CYS A 933 10.12 35.73 -33.14
C CYS A 933 9.44 36.28 -34.38
N GLU A 934 9.80 35.78 -35.56
CA GLU A 934 9.13 36.24 -36.76
C GLU A 934 7.62 35.99 -36.66
N GLY A 935 7.25 34.90 -36.00
CA GLY A 935 5.85 34.56 -35.79
C GLY A 935 5.30 35.24 -34.54
N LEU A 936 6.06 35.20 -33.46
CA LEU A 936 5.60 35.75 -32.18
C LEU A 936 5.34 37.24 -32.27
N LEU A 937 6.10 37.92 -33.12
CA LEU A 937 5.96 39.36 -33.28
C LEU A 937 4.84 39.73 -34.25
N HIS A 938 4.21 38.71 -34.83
CA HIS A 938 3.12 38.92 -35.78
C HIS A 938 1.91 39.51 -35.05
N PRO A 939 1.24 40.53 -35.61
CA PRO A 939 0.11 41.22 -35.03
C PRO A 939 -1.08 40.33 -34.71
N ASP A 940 -1.21 39.19 -35.39
CA ASP A 940 -2.35 38.31 -35.14
C ASP A 940 -2.00 37.14 -34.22
N CYS A 941 -0.79 37.12 -33.67
CA CYS A 941 -0.40 36.03 -32.80
C CYS A 941 -0.98 36.25 -31.41
N LYS A 942 -1.62 35.22 -30.85
CA LYS A 942 -2.26 35.36 -29.55
C LYS A 942 -1.66 34.44 -28.49
N LEU A 943 -0.44 33.97 -28.71
CA LEU A 943 0.22 33.10 -27.75
C LEU A 943 0.34 33.79 -26.40
N GLN A 944 -0.02 33.10 -25.31
CA GLN A 944 0.05 33.68 -23.99
C GLN A 944 1.23 33.16 -23.19
N VAL A 945 1.50 31.86 -23.32
CA VAL A 945 2.57 31.25 -22.54
C VAL A 945 3.60 30.60 -23.44
N LEU A 946 4.85 31.01 -23.26
CA LEU A 946 5.94 30.43 -24.02
C LEU A 946 7.05 29.93 -23.12
N GLU A 947 7.26 28.62 -23.12
CA GLU A 947 8.28 28.03 -22.28
C GLU A 947 9.50 27.61 -23.10
N LEU A 948 10.63 28.24 -22.80
CA LEU A 948 11.88 28.01 -23.53
C LEU A 948 12.99 27.61 -22.59
N ASP A 949 12.66 26.85 -21.56
CA ASP A 949 13.67 26.38 -20.63
C ASP A 949 14.59 25.37 -21.30
N ASN A 950 15.85 25.38 -20.90
CA ASN A 950 16.81 24.41 -21.38
C ASN A 950 16.79 24.27 -22.89
N CYS A 951 16.82 25.39 -23.62
CA CYS A 951 16.77 25.34 -25.08
C CYS A 951 18.11 25.69 -25.74
N ASN A 952 19.19 25.61 -24.95
CA ASN A 952 20.54 25.89 -25.42
C ASN A 952 20.66 27.30 -25.98
N LEU A 953 20.10 28.27 -25.26
CA LEU A 953 20.13 29.66 -25.69
C LEU A 953 21.21 30.43 -24.96
N THR A 954 21.71 31.49 -25.59
CA THR A 954 22.68 32.33 -24.90
C THR A 954 22.39 33.81 -25.05
N SER A 955 23.33 34.64 -24.62
CA SER A 955 23.14 36.07 -24.53
C SER A 955 22.85 36.74 -25.87
N HIS A 956 23.24 36.08 -26.96
CA HIS A 956 23.08 36.65 -28.29
C HIS A 956 21.63 36.66 -28.76
N CYS A 957 20.75 35.96 -28.04
CA CYS A 957 19.34 35.94 -28.41
C CYS A 957 18.54 36.94 -27.58
N CYS A 958 19.21 37.61 -26.66
CA CYS A 958 18.50 38.49 -25.74
C CYS A 958 17.90 39.67 -26.45
N TRP A 959 18.54 40.14 -27.52
CA TRP A 959 18.01 41.27 -28.24
C TRP A 959 16.61 40.96 -28.78
N ASP A 960 16.43 39.73 -29.26
CA ASP A 960 15.17 39.32 -29.85
C ASP A 960 14.14 39.03 -28.77
N LEU A 961 14.59 38.46 -27.65
CA LEU A 961 13.68 38.21 -26.54
C LEU A 961 13.22 39.53 -25.94
N SER A 962 14.12 40.51 -25.89
CA SER A 962 13.79 41.84 -25.40
C SER A 962 12.77 42.48 -26.32
N THR A 963 12.99 42.34 -27.62
CA THR A 963 12.07 42.88 -28.61
C THR A 963 10.69 42.28 -28.41
N LEU A 964 10.63 40.97 -28.18
CA LEU A 964 9.38 40.28 -27.93
C LEU A 964 8.67 40.87 -26.72
N LEU A 965 9.40 41.06 -25.63
CA LEU A 965 8.83 41.58 -24.39
C LEU A 965 8.21 42.96 -24.55
N THR A 966 8.79 43.77 -25.43
CA THR A 966 8.30 45.13 -25.63
C THR A 966 7.33 45.27 -26.81
N SER A 967 7.00 44.17 -27.46
CA SER A 967 6.14 44.27 -28.66
C SER A 967 4.93 43.35 -28.63
N SER A 968 5.05 42.17 -28.00
CA SER A 968 3.94 41.23 -27.96
C SER A 968 2.81 41.80 -27.13
N GLN A 969 1.58 41.58 -27.57
CA GLN A 969 0.44 42.10 -26.84
C GLN A 969 -0.24 41.02 -26.02
N SER A 970 -0.12 39.77 -26.45
CA SER A 970 -0.80 38.66 -25.80
C SER A 970 0.07 37.93 -24.79
N LEU A 971 1.38 38.02 -24.94
CA LEU A 971 2.26 37.26 -24.06
C LEU A 971 2.07 37.66 -22.61
N ARG A 972 1.89 36.68 -21.74
CA ARG A 972 1.73 36.94 -20.32
C ARG A 972 2.79 36.22 -19.51
N LYS A 973 3.22 35.07 -19.99
CA LYS A 973 4.22 34.29 -19.28
C LYS A 973 5.33 33.85 -20.22
N LEU A 974 6.56 34.20 -19.88
CA LEU A 974 7.72 33.79 -20.66
C LEU A 974 8.71 33.15 -19.72
N SER A 975 9.05 31.90 -20.00
CA SER A 975 9.92 31.20 -19.06
C SER A 975 11.22 30.75 -19.66
N LEU A 976 12.31 31.35 -19.18
CA LEU A 976 13.66 30.97 -19.57
C LEU A 976 14.22 30.17 -18.40
N GLY A 977 15.17 29.28 -18.64
CA GLY A 977 15.63 28.46 -17.51
C GLY A 977 17.10 28.06 -17.58
N ASN A 978 17.35 26.76 -17.68
CA ASN A 978 18.70 26.25 -17.60
C ASN A 978 19.51 26.50 -18.87
N ASN A 979 19.87 27.75 -19.06
CA ASN A 979 20.67 28.15 -20.21
C ASN A 979 21.54 29.35 -19.87
N ASP A 980 22.63 29.55 -20.62
CA ASP A 980 23.59 30.61 -20.29
C ASP A 980 23.16 31.96 -20.85
N LEU A 981 22.12 32.52 -20.24
CA LEU A 981 21.55 33.79 -20.65
C LEU A 981 22.52 34.94 -20.43
N GLY A 982 23.27 34.88 -19.33
CA GLY A 982 24.28 35.89 -19.02
C GLY A 982 23.72 37.06 -18.21
N ASP A 983 24.62 37.89 -17.69
CA ASP A 983 24.25 39.04 -16.88
C ASP A 983 23.82 40.19 -17.76
N LEU A 984 24.44 40.30 -18.93
CA LEU A 984 24.10 41.37 -19.85
C LEU A 984 22.67 41.19 -20.32
N GLY A 985 22.30 39.93 -20.53
CA GLY A 985 20.96 39.57 -20.98
C GLY A 985 19.91 40.00 -19.99
N VAL A 986 20.06 39.57 -18.74
CA VAL A 986 19.06 39.90 -17.73
C VAL A 986 18.98 41.40 -17.48
N MET A 987 20.11 42.08 -17.43
CA MET A 987 20.07 43.51 -17.18
C MET A 987 19.30 44.22 -18.28
N MET A 988 19.52 43.81 -19.53
CA MET A 988 18.79 44.41 -20.64
C MET A 988 17.30 44.18 -20.50
N PHE A 989 16.90 42.98 -20.06
CA PHE A 989 15.48 42.71 -19.86
C PHE A 989 14.91 43.61 -18.77
N CYS A 990 15.65 43.76 -17.68
CA CYS A 990 15.17 44.58 -16.56
C CYS A 990 14.89 46.00 -17.00
N GLU A 991 15.69 46.52 -17.92
CA GLU A 991 15.56 47.88 -18.42
C GLU A 991 14.33 48.08 -19.31
N VAL A 992 13.77 47.00 -19.84
CA VAL A 992 12.65 47.11 -20.75
C VAL A 992 11.34 46.60 -20.14
N LEU A 993 11.46 45.78 -19.10
CA LEU A 993 10.29 45.24 -18.41
C LEU A 993 9.56 46.32 -17.62
N LYS A 994 10.19 47.48 -17.52
CA LYS A 994 9.63 48.62 -16.83
C LYS A 994 8.75 49.48 -17.74
N GLN A 995 8.89 49.31 -19.05
CA GLN A 995 8.23 50.18 -20.00
C GLN A 995 6.84 49.69 -20.38
N GLN A 996 5.94 49.69 -19.41
CA GLN A 996 4.55 49.26 -19.61
C GLN A 996 4.45 47.90 -20.30
N SER A 997 5.25 46.95 -19.84
CA SER A 997 5.21 45.60 -20.41
C SER A 997 3.93 44.90 -20.03
N CYS A 998 3.41 44.07 -20.92
CA CYS A 998 2.20 43.31 -20.63
C CYS A 998 2.52 42.02 -19.90
N LEU A 999 3.81 41.70 -19.78
CA LEU A 999 4.19 40.46 -19.10
C LEU A 999 3.76 40.54 -17.65
N LEU A 1000 3.06 39.53 -17.16
CA LEU A 1000 2.58 39.55 -15.78
C LEU A 1000 3.12 38.40 -14.95
N GLN A 1001 3.42 37.30 -15.60
CA GLN A 1001 3.69 36.06 -14.89
C GLN A 1001 5.16 35.71 -14.83
N ASN A 1002 5.42 34.57 -14.18
CA ASN A 1002 6.76 34.08 -13.91
C ASN A 1002 7.67 34.24 -15.13
N LEU A 1003 8.72 35.05 -14.95
CA LEU A 1003 9.73 35.31 -15.98
C LEU A 1003 10.71 34.14 -16.10
N GLY A 1004 10.71 33.27 -15.10
CA GLY A 1004 11.65 32.17 -15.05
C GLY A 1004 13.02 32.61 -14.60
N LEU A 1005 14.04 32.29 -15.38
CA LEU A 1005 15.42 32.57 -15.04
C LEU A 1005 15.86 31.72 -13.86
N SER A 1006 15.19 30.58 -13.67
CA SER A 1006 15.56 29.66 -12.62
C SER A 1006 16.83 28.93 -13.03
N GLU A 1007 17.53 28.37 -12.05
CA GLU A 1007 18.76 27.64 -12.33
C GLU A 1007 19.70 28.47 -13.18
N MET A 1008 19.78 29.76 -12.87
CA MET A 1008 20.69 30.70 -13.50
C MET A 1008 21.44 31.44 -12.42
N TYR A 1009 22.69 31.79 -12.68
CA TYR A 1009 23.49 32.46 -11.68
C TYR A 1009 24.06 33.73 -12.23
N PHE A 1010 24.11 34.76 -11.40
CA PHE A 1010 24.50 36.09 -11.86
C PHE A 1010 25.35 36.81 -10.83
N ASN A 1011 25.78 38.01 -11.20
CA ASN A 1011 26.54 38.84 -10.28
C ASN A 1011 25.63 39.56 -9.30
N TYR A 1012 26.22 40.35 -8.40
CA TYR A 1012 25.46 41.00 -7.35
C TYR A 1012 24.54 42.08 -7.90
N GLU A 1013 25.01 42.80 -8.91
CA GLU A 1013 24.23 43.89 -9.49
C GLU A 1013 22.94 43.36 -10.11
N THR A 1014 23.04 42.24 -10.81
CA THR A 1014 21.90 41.66 -11.49
C THR A 1014 20.86 41.21 -10.48
N LYS A 1015 21.29 40.56 -9.40
CA LYS A 1015 20.35 40.10 -8.40
C LYS A 1015 19.61 41.28 -7.81
N SER A 1016 20.33 42.36 -7.52
CA SER A 1016 19.72 43.57 -6.97
C SER A 1016 18.73 44.18 -7.94
N ALA A 1017 19.10 44.24 -9.21
CA ALA A 1017 18.23 44.81 -10.23
C ALA A 1017 16.92 44.04 -10.34
N LEU A 1018 16.99 42.71 -10.26
CA LEU A 1018 15.78 41.91 -10.33
C LEU A 1018 14.89 42.12 -9.11
N GLU A 1019 15.50 42.19 -7.93
CA GLU A 1019 14.72 42.43 -6.72
C GLU A 1019 14.09 43.80 -6.78
N THR A 1020 14.83 44.77 -7.31
CA THR A 1020 14.35 46.12 -7.45
C THR A 1020 13.13 46.16 -8.37
N LEU A 1021 13.24 45.45 -9.50
CA LEU A 1021 12.15 45.39 -10.47
C LEU A 1021 10.87 44.88 -9.83
N GLN A 1022 10.98 43.85 -9.00
CA GLN A 1022 9.80 43.29 -8.36
C GLN A 1022 9.10 44.32 -7.47
N GLU A 1023 9.87 45.15 -6.80
CA GLU A 1023 9.28 46.17 -5.94
C GLU A 1023 8.75 47.37 -6.72
N GLU A 1024 9.50 47.80 -7.73
CA GLU A 1024 9.11 48.97 -8.51
C GLU A 1024 7.91 48.72 -9.41
N LYS A 1025 7.84 47.53 -9.99
CA LYS A 1025 6.79 47.18 -10.94
C LYS A 1025 6.07 45.90 -10.52
N PRO A 1026 5.21 45.96 -9.50
CA PRO A 1026 4.60 44.84 -8.79
C PRO A 1026 3.66 44.04 -9.67
N GLU A 1027 3.29 44.57 -10.83
CA GLU A 1027 2.43 43.85 -11.75
C GLU A 1027 3.13 42.56 -12.19
N LEU A 1028 4.46 42.62 -12.33
CA LEU A 1028 5.22 41.43 -12.67
C LEU A 1028 5.54 40.73 -11.38
N THR A 1029 4.50 40.14 -10.80
CA THR A 1029 4.56 39.58 -9.47
C THR A 1029 5.68 38.58 -9.30
N VAL A 1030 5.85 37.72 -10.29
CA VAL A 1030 6.82 36.65 -10.14
C VAL A 1030 7.99 36.73 -11.11
N VAL A 1031 9.18 36.71 -10.54
CA VAL A 1031 10.40 36.58 -11.32
C VAL A 1031 10.98 35.20 -11.04
N PHE A 1032 10.89 34.79 -9.78
CA PHE A 1032 11.34 33.48 -9.34
C PHE A 1032 12.84 33.24 -9.47
N GLU A 1033 13.64 34.14 -8.91
CA GLU A 1033 15.08 33.94 -8.87
C GLU A 1033 15.39 32.72 -7.99
N PRO A 1034 16.42 31.94 -8.33
CA PRO A 1034 16.88 30.74 -7.62
C PRO A 1034 17.47 31.00 -6.21
N SER A 1035 17.88 32.24 -5.93
CA SER A 1035 18.48 32.63 -4.64
C SER A 1035 17.79 33.86 -4.07
#